data_8B4A
#
_entry.id   8B4A
#
_cell.length_a   159.875
_cell.length_b   159.875
_cell.length_c   285.731
_cell.angle_alpha   90.000
_cell.angle_beta   90.000
_cell.angle_gamma   90.000
#
_symmetry.space_group_name_H-M   'I 4 2 2'
#
loop_
_entity.id
_entity.type
_entity.pdbx_description
1 polymer '2-aminobenzoylacetyl-CoA thioesterase'
2 polymer 'Regulatory protein RhlR'
3 non-polymer 'FE (III) ION'
4 non-polymer N-[(3S)-2-oxotetrahydrofuran-3-yl]butanamide
5 water water
#
loop_
_entity_poly.entity_id
_entity_poly.type
_entity_poly.pdbx_seq_one_letter_code
_entity_poly.pdbx_strand_id
1 'polypeptide(L)'
;MGHHHHHHAENLYFQGHMLRLSAPGQLDDDLCLLGDVQVPVFLLRLGEASWALVEGGISRDAELVWADLCRWVADPSQVH
YWLITHKHYDHCGLLPYLCPRLPNVQVLASERTCQAWKSESAVRVVERLNRQLLRAEQRLPEACAWDALPVRAVADGEWL
ELGPRHRLQVIEAHGHSDDHVVFYDVRRRRLFCGDALGEFDEAEGVWRPLVFDDMEAYLESLERLQRLPTLLQLIPGHGG
LLRGRLAADGAESAYTECLRLCRRLLWRQSMGESLDELSEELHRAWGGQSVDFLPGELHLGSMRRMLEILSRQALPLD
;
A,B
2 'polypeptide(L)'
;MRNDGGFLLWWDGLRSEMQPIHDSQGVFAVLEKEVRRLGFDYYAYGVRHTIPFTRPKTEVHGTYPKAWLERYQMQNYGAV
DPAILNGLRSSEMVVWSDSLFDQSRMLWNEARDWGLCVGATLPIRAPNNLLSVLSVARDQQNISSFEREEIRLRLRCMIE
LLTQKLTDLEHPMLMSNPVCLSHREREILQWTADGKSSGEIAIILSISESTVNFHHKNIQKKFDAPNKTLAAAYAAALGL
I
;
C,D
#
loop_
_chem_comp.id
_chem_comp.type
_chem_comp.name
_chem_comp.formula
FE non-polymer 'FE (III) ION' 'Fe 3'
HL4 non-polymer N-[(3S)-2-oxotetrahydrofuran-3-yl]butanamide 'C8 H13 N O3'
#
# COMPACT_ATOMS: atom_id res chain seq x y z
N GLN A 15 32.47 7.36 -23.02
CA GLN A 15 31.05 6.96 -23.30
C GLN A 15 30.96 5.45 -23.53
N GLY A 16 29.84 5.01 -24.06
CA GLY A 16 29.66 3.60 -24.39
C GLY A 16 28.22 3.17 -24.27
N HIS A 17 27.86 2.19 -25.11
CA HIS A 17 26.55 1.57 -25.05
C HIS A 17 26.35 0.75 -23.78
N MET A 18 27.44 0.32 -23.15
CA MET A 18 27.36 -0.66 -22.07
C MET A 18 26.48 -0.15 -20.94
N LEU A 19 26.11 -1.09 -20.05
CA LEU A 19 25.34 -0.80 -18.85
C LEU A 19 26.20 -0.67 -17.60
N ARG A 20 27.43 -1.17 -17.64
CA ARG A 20 28.33 -1.10 -16.50
C ARG A 20 29.72 -0.75 -17.02
N LEU A 21 30.29 0.33 -16.50
CA LEU A 21 31.65 0.74 -16.82
C LEU A 21 32.55 0.29 -15.68
N SER A 22 33.46 -0.64 -15.97
CA SER A 22 34.30 -1.28 -14.96
C SER A 22 35.74 -1.38 -15.49
N ALA A 23 36.33 -0.23 -15.80
CA ALA A 23 37.70 -0.19 -16.31
C ALA A 23 38.36 1.09 -15.81
N PRO A 24 39.57 1.01 -15.26
CA PRO A 24 40.27 2.24 -14.88
C PRO A 24 40.35 3.21 -16.04
N GLY A 25 40.25 4.50 -15.73
CA GLY A 25 40.31 5.55 -16.72
C GLY A 25 39.14 6.49 -16.56
N GLN A 26 38.80 7.18 -17.65
CA GLN A 26 37.72 8.16 -17.61
C GLN A 26 36.36 7.46 -17.67
N LEU A 27 35.45 7.89 -16.78
CA LEU A 27 34.09 7.39 -16.76
C LEU A 27 33.07 8.40 -17.26
N ASP A 28 33.34 9.70 -17.12
CA ASP A 28 32.43 10.73 -17.57
C ASP A 28 33.21 12.03 -17.72
N ASP A 29 32.57 13.02 -18.34
CA ASP A 29 33.20 14.30 -18.65
C ASP A 29 33.85 14.95 -17.44
N ASP A 30 33.52 14.47 -16.23
CA ASP A 30 34.10 15.02 -15.02
C ASP A 30 34.49 13.94 -14.02
N LEU A 31 34.49 12.67 -14.39
CA LEU A 31 34.67 11.59 -13.43
C LEU A 31 35.62 10.56 -14.00
N CYS A 32 36.58 10.12 -13.17
CA CYS A 32 37.50 9.07 -13.53
C CYS A 32 37.57 8.03 -12.42
N LEU A 33 37.85 6.78 -12.80
CA LEU A 33 38.07 5.70 -11.84
C LEU A 33 39.57 5.43 -11.76
N LEU A 34 40.06 5.28 -10.53
CA LEU A 34 41.49 5.13 -10.27
C LEU A 34 41.72 3.86 -9.47
N GLY A 35 42.83 3.19 -9.79
CA GLY A 35 43.23 2.00 -9.05
C GLY A 35 42.53 0.75 -9.58
N ASP A 36 42.25 -0.17 -8.66
CA ASP A 36 41.59 -1.43 -9.02
C ASP A 36 40.08 -1.21 -9.04
N VAL A 37 39.43 -1.72 -10.09
CA VAL A 37 37.98 -1.56 -10.21
C VAL A 37 37.26 -2.25 -9.05
N GLN A 38 37.90 -3.22 -8.39
CA GLN A 38 37.30 -3.85 -7.23
C GLN A 38 37.14 -2.85 -6.09
N VAL A 39 38.22 -2.16 -5.74
CA VAL A 39 38.23 -1.16 -4.67
C VAL A 39 38.63 0.18 -5.28
N PRO A 40 37.80 0.79 -6.12
CA PRO A 40 38.23 1.97 -6.87
C PRO A 40 38.24 3.23 -6.02
N VAL A 41 38.90 4.25 -6.54
CA VAL A 41 38.85 5.60 -6.00
C VAL A 41 38.44 6.54 -7.12
N PHE A 42 37.38 7.31 -6.90
CA PHE A 42 36.82 8.12 -7.96
C PHE A 42 37.34 9.55 -7.87
N LEU A 43 37.63 10.14 -9.02
CA LEU A 43 38.23 11.47 -9.12
C LEU A 43 37.27 12.38 -9.87
N LEU A 44 36.96 13.54 -9.29
CA LEU A 44 36.12 14.55 -9.88
C LEU A 44 36.94 15.81 -10.15
N ARG A 45 36.75 16.40 -11.33
CA ARG A 45 37.42 17.64 -11.71
C ARG A 45 36.47 18.80 -11.43
N LEU A 46 36.68 19.49 -10.31
CA LEU A 46 35.82 20.62 -9.96
C LEU A 46 36.12 21.83 -10.82
N GLY A 47 37.37 22.02 -11.20
CA GLY A 47 37.76 23.12 -12.06
C GLY A 47 39.07 22.83 -12.75
N GLU A 48 39.63 23.87 -13.35
CA GLU A 48 40.90 23.70 -14.05
C GLU A 48 42.01 23.27 -13.09
N ALA A 49 41.98 23.77 -11.86
CA ALA A 49 43.01 23.48 -10.87
C ALA A 49 42.39 23.10 -9.54
N SER A 50 41.25 22.41 -9.58
CA SER A 50 40.58 21.95 -8.36
C SER A 50 40.03 20.56 -8.62
N TRP A 51 40.27 19.65 -7.68
CA TRP A 51 39.88 18.25 -7.84
C TRP A 51 39.34 17.74 -6.51
N ALA A 52 38.64 16.61 -6.58
CA ALA A 52 38.08 15.97 -5.40
C ALA A 52 38.15 14.45 -5.57
N LEU A 53 38.22 13.74 -4.45
CA LEU A 53 38.27 12.29 -4.43
C LEU A 53 37.06 11.73 -3.70
N VAL A 54 36.71 10.50 -4.05
CA VAL A 54 35.56 9.82 -3.48
C VAL A 54 35.93 8.36 -3.25
N GLU A 55 35.54 7.83 -2.08
CA GLU A 55 35.90 6.49 -1.61
C GLU A 55 37.37 6.45 -1.20
N GLY A 56 37.67 5.76 -0.10
CA GLY A 56 39.01 5.72 0.44
C GLY A 56 39.80 4.49 0.08
N GLY A 57 39.12 3.48 -0.46
CA GLY A 57 39.80 2.29 -0.92
C GLY A 57 40.55 1.56 0.19
N ILE A 58 41.49 0.73 -0.24
CA ILE A 58 42.30 -0.08 0.66
C ILE A 58 43.74 0.44 0.64
N SER A 59 44.53 -0.01 1.62
CA SER A 59 45.86 0.55 1.82
C SER A 59 46.82 0.10 0.73
N ARG A 60 46.81 -1.19 0.39
CA ARG A 60 47.83 -1.74 -0.49
C ARG A 60 47.80 -1.16 -1.91
N ASP A 61 46.76 -0.39 -2.26
CA ASP A 61 46.69 0.26 -3.57
C ASP A 61 47.30 1.65 -3.57
N ALA A 62 47.91 2.08 -2.46
CA ALA A 62 48.38 3.45 -2.33
C ALA A 62 49.25 3.86 -3.52
N GLU A 63 50.32 3.10 -3.77
CA GLU A 63 51.23 3.47 -4.85
C GLU A 63 50.56 3.37 -6.21
N LEU A 64 49.56 2.50 -6.36
CA LEU A 64 48.87 2.38 -7.65
C LEU A 64 48.00 3.61 -7.90
N VAL A 65 47.02 3.84 -7.04
CA VAL A 65 46.13 4.99 -7.14
C VAL A 65 46.95 6.24 -7.45
N TRP A 66 47.92 6.54 -6.59
CA TRP A 66 48.81 7.68 -6.79
C TRP A 66 49.24 7.80 -8.24
N ALA A 67 49.89 6.74 -8.75
CA ALA A 67 50.32 6.74 -10.15
C ALA A 67 49.18 7.20 -11.06
N ASP A 68 48.06 6.47 -11.03
CA ASP A 68 46.92 6.84 -11.85
C ASP A 68 46.54 8.29 -11.64
N LEU A 69 46.44 8.71 -10.37
CA LEU A 69 46.09 10.09 -10.08
C LEU A 69 47.00 11.06 -10.82
N CYS A 70 48.31 10.80 -10.80
CA CYS A 70 49.26 11.72 -11.40
C CYS A 70 49.10 11.81 -12.91
N ARG A 71 48.44 10.85 -13.54
CA ARG A 71 48.20 10.96 -14.97
C ARG A 71 47.21 12.08 -15.27
N TRP A 72 46.31 12.38 -14.34
CA TRP A 72 45.24 13.35 -14.57
C TRP A 72 45.54 14.72 -13.99
N VAL A 73 46.08 14.78 -12.77
CA VAL A 73 46.30 16.04 -12.08
C VAL A 73 47.77 16.39 -12.18
N ALA A 74 48.06 17.60 -12.70
CA ALA A 74 49.44 18.05 -12.83
C ALA A 74 50.04 18.43 -11.48
N ASP A 75 49.21 18.70 -10.47
CA ASP A 75 49.71 19.10 -9.16
C ASP A 75 48.87 18.45 -8.07
N PRO A 76 49.47 17.70 -7.15
CA PRO A 76 48.68 17.13 -6.05
C PRO A 76 48.09 18.17 -5.12
N SER A 77 48.66 19.38 -5.06
CA SER A 77 48.10 20.43 -4.22
C SER A 77 46.73 20.87 -4.69
N GLN A 78 46.34 20.52 -5.92
CA GLN A 78 45.03 20.89 -6.44
C GLN A 78 43.93 19.94 -5.99
N VAL A 79 44.26 18.86 -5.29
CA VAL A 79 43.26 17.98 -4.70
C VAL A 79 42.80 18.62 -3.41
N HIS A 80 41.54 19.10 -3.38
CA HIS A 80 41.06 19.92 -2.29
C HIS A 80 40.09 19.21 -1.36
N TYR A 81 39.38 18.18 -1.83
CA TYR A 81 38.40 17.47 -1.03
C TYR A 81 38.52 15.98 -1.27
N TRP A 82 38.17 15.19 -0.25
CA TRP A 82 38.17 13.74 -0.34
C TRP A 82 36.96 13.23 0.44
N LEU A 83 35.96 12.72 -0.27
CA LEU A 83 34.71 12.29 0.33
C LEU A 83 34.79 10.82 0.70
N ILE A 84 34.37 10.49 1.92
CA ILE A 84 34.44 9.13 2.44
C ILE A 84 33.05 8.71 2.87
N THR A 85 32.67 7.49 2.51
CA THR A 85 31.33 6.99 2.80
C THR A 85 31.20 6.55 4.25
N HIS A 86 32.02 5.60 4.68
CA HIS A 86 31.90 5.07 6.03
C HIS A 86 33.30 4.68 6.54
N LYS A 87 33.32 3.96 7.67
CA LYS A 87 34.54 3.73 8.43
C LYS A 87 35.21 2.39 8.13
N HIS A 88 34.51 1.46 7.48
CA HIS A 88 35.06 0.13 7.27
C HIS A 88 36.46 0.21 6.65
N TYR A 89 37.30 -0.76 6.99
CA TYR A 89 38.69 -0.74 6.56
C TYR A 89 38.82 -0.54 5.06
N ASP A 90 37.88 -1.10 4.29
CA ASP A 90 37.99 -1.10 2.83
C ASP A 90 37.48 0.19 2.18
N HIS A 91 37.38 1.29 2.95
CA HIS A 91 36.92 2.56 2.36
C HIS A 91 37.63 3.74 3.02
N CYS A 92 38.73 3.52 3.71
CA CYS A 92 39.49 4.64 4.28
C CYS A 92 40.94 4.29 4.55
N GLY A 93 41.47 3.20 3.99
CA GLY A 93 42.83 2.79 4.24
C GLY A 93 43.89 3.59 3.51
N LEU A 94 43.49 4.40 2.53
CA LEU A 94 44.44 5.20 1.78
C LEU A 94 44.73 6.54 2.43
N LEU A 95 43.83 7.05 3.26
CA LEU A 95 44.02 8.37 3.86
C LEU A 95 45.37 8.53 4.55
N PRO A 96 45.76 7.67 5.48
CA PRO A 96 47.02 7.91 6.22
C PRO A 96 48.25 7.90 5.33
N TYR A 97 48.18 7.27 4.17
CA TYR A 97 49.34 7.13 3.31
C TYR A 97 49.41 8.23 2.24
N LEU A 98 48.27 8.68 1.74
CA LEU A 98 48.25 9.64 0.63
C LEU A 98 47.92 11.06 1.05
N CYS A 99 47.24 11.26 2.17
CA CYS A 99 47.01 12.63 2.64
C CYS A 99 48.31 13.40 2.83
N PRO A 100 49.40 12.81 3.33
CA PRO A 100 50.66 13.56 3.40
C PRO A 100 51.11 14.11 2.06
N ARG A 101 50.68 13.51 0.94
CA ARG A 101 51.03 14.00 -0.38
C ARG A 101 50.00 14.98 -0.94
N LEU A 102 48.87 15.17 -0.26
CA LEU A 102 47.80 16.07 -0.68
C LEU A 102 47.66 17.16 0.37
N PRO A 103 48.45 18.22 0.30
CA PRO A 103 48.43 19.21 1.38
C PRO A 103 47.11 19.95 1.50
N ASN A 104 46.42 20.20 0.40
CA ASN A 104 45.24 21.06 0.37
C ASN A 104 43.94 20.30 0.53
N VAL A 105 43.99 19.07 1.04
CA VAL A 105 42.83 18.17 1.02
C VAL A 105 42.09 18.25 2.34
N GLN A 106 40.75 18.24 2.26
CA GLN A 106 39.87 18.08 3.41
C GLN A 106 39.20 16.72 3.29
N VAL A 107 39.37 15.88 4.31
CA VAL A 107 38.63 14.63 4.39
C VAL A 107 37.24 14.94 4.94
N LEU A 108 36.21 14.50 4.23
CA LEU A 108 34.82 14.75 4.61
C LEU A 108 34.14 13.43 4.90
N ALA A 109 33.65 13.27 6.13
CA ALA A 109 32.98 12.05 6.55
C ALA A 109 31.98 12.38 7.64
N SER A 110 31.17 11.38 7.99
CA SER A 110 30.17 11.58 9.03
C SER A 110 30.83 11.66 10.40
N GLU A 111 30.22 12.44 11.30
CA GLU A 111 30.79 12.61 12.64
C GLU A 111 31.10 11.25 13.26
N ARG A 112 30.25 10.25 13.03
CA ARG A 112 30.54 8.92 13.54
C ARG A 112 31.82 8.35 12.92
N THR A 113 31.97 8.52 11.60
CA THR A 113 33.19 8.07 10.94
C THR A 113 34.42 8.85 11.43
N CYS A 114 34.29 10.17 11.53
CA CYS A 114 35.40 11.00 11.97
C CYS A 114 35.86 10.61 13.37
N GLN A 115 34.90 10.39 14.28
CA GLN A 115 35.28 9.98 15.64
C GLN A 115 35.80 8.55 15.65
N ALA A 116 35.31 7.68 14.76
CA ALA A 116 35.89 6.35 14.63
C ALA A 116 37.38 6.43 14.35
N TRP A 117 37.79 7.38 13.51
CA TRP A 117 39.22 7.57 13.27
C TRP A 117 39.97 8.04 14.51
N LYS A 118 39.27 8.37 15.59
CA LYS A 118 39.91 8.71 16.84
C LYS A 118 39.94 7.57 17.83
N SER A 119 39.09 6.56 17.67
CA SER A 119 38.98 5.47 18.63
C SER A 119 40.08 4.44 18.34
N GLU A 120 41.09 4.41 19.23
CA GLU A 120 42.19 3.47 19.16
C GLU A 120 41.81 2.09 18.64
N SER A 121 40.73 1.51 19.15
CA SER A 121 40.38 0.15 18.78
C SER A 121 39.95 0.05 17.32
N ALA A 122 39.11 0.99 16.86
CA ALA A 122 38.67 0.95 15.47
C ALA A 122 39.85 1.12 14.51
N VAL A 123 40.75 2.04 14.80
CA VAL A 123 41.90 2.24 13.93
C VAL A 123 42.82 1.03 13.98
N ARG A 124 42.90 0.35 15.12
CA ARG A 124 43.69 -0.88 15.18
C ARG A 124 43.08 -1.95 14.29
N VAL A 125 41.75 -2.10 14.32
CA VAL A 125 41.09 -3.07 13.45
C VAL A 125 41.38 -2.73 11.98
N VAL A 126 41.25 -1.45 11.62
CA VAL A 126 41.50 -1.03 10.26
C VAL A 126 42.93 -1.37 9.85
N GLU A 127 43.89 -1.01 10.70
CA GLU A 127 45.30 -1.24 10.38
C GLU A 127 45.58 -2.73 10.21
N ARG A 128 45.04 -3.56 11.10
CA ARG A 128 45.28 -5.00 10.99
C ARG A 128 44.69 -5.56 9.70
N LEU A 129 43.44 -5.22 9.41
CA LEU A 129 42.79 -5.81 8.24
C LEU A 129 43.44 -5.33 6.94
N ASN A 130 43.90 -4.07 6.89
CA ASN A 130 44.55 -3.58 5.69
C ASN A 130 45.98 -4.10 5.56
N ARG A 131 46.66 -4.33 6.68
CA ARG A 131 48.01 -4.87 6.65
C ARG A 131 48.03 -6.32 6.19
N GLN A 132 46.90 -7.02 6.30
CA GLN A 132 46.81 -8.43 5.92
C GLN A 132 46.65 -8.63 4.41
N LEU A 133 46.50 -7.54 3.64
CA LEU A 133 46.24 -7.64 2.21
C LEU A 133 47.42 -7.12 1.39
N LEU A 134 48.62 -7.57 1.71
CA LEU A 134 49.81 -7.15 1.00
C LEU A 134 50.33 -8.27 0.11
N ARG A 135 51.14 -7.87 -0.88
CA ARG A 135 51.64 -8.79 -1.90
C ARG A 135 53.04 -9.24 -1.51
N ALA A 136 53.12 -10.36 -0.80
CA ALA A 136 54.39 -10.96 -0.43
C ALA A 136 55.28 -9.98 0.33
N GLU A 137 56.11 -9.22 -0.39
CA GLU A 137 57.07 -8.30 0.20
C GLU A 137 56.73 -6.85 -0.09
N GLN A 138 55.45 -6.49 0.01
CA GLN A 138 55.05 -5.12 -0.20
C GLN A 138 55.71 -4.21 0.84
N ARG A 139 56.05 -3.01 0.40
CA ARG A 139 56.70 -2.01 1.26
C ARG A 139 55.75 -0.83 1.42
N LEU A 140 55.02 -0.80 2.53
CA LEU A 140 54.10 0.31 2.79
C LEU A 140 54.89 1.62 2.84
N PRO A 141 54.31 2.72 2.37
CA PRO A 141 54.93 4.03 2.57
C PRO A 141 54.56 4.63 3.93
N GLU A 142 55.34 5.63 4.33
CA GLU A 142 55.12 6.25 5.62
C GLU A 142 53.67 6.74 5.76
N ALA A 143 53.21 6.82 7.00
CA ALA A 143 51.82 7.13 7.30
C ALA A 143 51.75 8.14 8.43
N CYS A 144 50.68 8.93 8.45
CA CYS A 144 50.41 9.89 9.50
C CYS A 144 49.29 9.38 10.39
N ALA A 145 49.18 9.99 11.56
CA ALA A 145 48.21 9.53 12.55
C ALA A 145 46.78 9.67 12.03
N TRP A 146 45.91 8.81 12.54
CA TRP A 146 44.49 8.88 12.15
C TRP A 146 43.83 10.13 12.72
N ASP A 147 44.18 10.50 13.95
CA ASP A 147 43.66 11.72 14.55
C ASP A 147 44.32 12.97 13.99
N ALA A 148 45.29 12.83 13.09
CA ALA A 148 45.97 13.96 12.48
C ALA A 148 45.46 14.27 11.09
N LEU A 149 44.49 13.51 10.59
CA LEU A 149 43.97 13.74 9.24
C LEU A 149 43.31 15.11 9.15
N PRO A 150 43.28 15.71 7.95
CA PRO A 150 42.60 17.02 7.77
C PRO A 150 41.11 16.84 7.53
N VAL A 151 40.38 16.58 8.62
CA VAL A 151 39.00 16.14 8.55
C VAL A 151 38.07 17.30 8.87
N ARG A 152 36.92 17.31 8.19
CA ARG A 152 35.81 18.21 8.52
C ARG A 152 34.54 17.36 8.49
N ALA A 153 33.91 17.20 9.65
CA ALA A 153 32.72 16.37 9.73
C ALA A 153 31.56 17.03 8.97
N VAL A 154 30.66 16.18 8.46
CA VAL A 154 29.49 16.64 7.73
C VAL A 154 28.24 16.04 8.37
N ALA A 155 27.09 16.61 8.03
CA ALA A 155 25.82 16.22 8.63
C ALA A 155 24.84 15.79 7.54
N ASP A 156 23.69 15.29 7.99
CA ASP A 156 22.67 14.79 7.08
C ASP A 156 22.03 15.96 6.33
N GLY A 157 22.06 15.90 5.00
CA GLY A 157 21.44 16.90 4.17
C GLY A 157 22.31 18.10 3.86
N GLU A 158 23.56 18.12 4.31
CA GLU A 158 24.45 19.24 4.04
C GLU A 158 24.79 19.30 2.56
N TRP A 159 24.91 20.52 2.03
CA TRP A 159 25.27 20.75 0.64
C TRP A 159 26.75 21.09 0.59
N LEU A 160 27.53 20.22 -0.04
CA LEU A 160 28.98 20.39 -0.17
C LEU A 160 29.25 21.17 -1.44
N GLU A 161 29.66 22.43 -1.30
CA GLU A 161 29.98 23.27 -2.45
C GLU A 161 31.41 22.96 -2.90
N LEU A 162 31.56 21.76 -3.47
CA LEU A 162 32.86 21.33 -3.95
C LEU A 162 33.34 22.22 -5.09
N GLY A 163 32.52 22.36 -6.13
CA GLY A 163 32.88 23.16 -7.27
C GLY A 163 31.70 23.90 -7.86
N PRO A 164 31.96 24.88 -8.73
CA PRO A 164 30.86 25.63 -9.35
C PRO A 164 29.80 24.76 -9.98
N ARG A 165 30.19 23.62 -10.56
CA ARG A 165 29.26 22.67 -11.15
C ARG A 165 29.30 21.33 -10.41
N HIS A 166 29.73 21.32 -9.16
CA HIS A 166 29.73 20.12 -8.33
C HIS A 166 29.16 20.51 -6.96
N ARG A 167 27.87 20.25 -6.79
CA ARG A 167 27.13 20.52 -5.56
C ARG A 167 26.53 19.19 -5.11
N LEU A 168 27.19 18.54 -4.16
CA LEU A 168 26.80 17.21 -3.70
C LEU A 168 26.14 17.30 -2.33
N GLN A 169 25.03 16.58 -2.17
CA GLN A 169 24.31 16.51 -0.91
C GLN A 169 24.71 15.25 -0.15
N VAL A 170 24.74 15.36 1.17
CA VAL A 170 25.06 14.24 2.06
C VAL A 170 23.74 13.65 2.55
N ILE A 171 23.64 12.32 2.52
CA ILE A 171 22.43 11.63 2.95
C ILE A 171 22.82 10.49 3.88
N GLU A 172 22.19 10.43 5.06
CA GLU A 172 22.48 9.38 6.02
C GLU A 172 21.94 8.05 5.48
N ALA A 173 22.82 7.05 5.38
CA ALA A 173 22.46 5.74 4.89
C ALA A 173 22.82 4.66 5.89
N HIS A 174 22.54 4.90 7.17
CA HIS A 174 22.80 3.91 8.19
C HIS A 174 22.12 2.59 7.85
N GLY A 175 22.61 1.52 8.47
CA GLY A 175 22.14 0.19 8.17
C GLY A 175 23.30 -0.75 7.88
N HIS A 176 23.99 -0.53 6.76
CA HIS A 176 25.22 -1.27 6.51
C HIS A 176 26.21 -1.08 7.66
N SER A 177 26.23 0.11 8.24
CA SER A 177 27.04 0.39 9.42
C SER A 177 26.37 1.53 10.19
N ASP A 178 26.83 1.74 11.42
CA ASP A 178 26.29 2.78 12.27
C ASP A 178 26.77 4.19 11.90
N ASP A 179 27.32 4.36 10.70
CA ASP A 179 27.80 5.67 10.29
C ASP A 179 27.73 5.89 8.78
N HIS A 180 27.17 4.95 8.02
CA HIS A 180 27.25 5.03 6.57
C HIS A 180 26.47 6.24 6.04
N VAL A 181 27.09 6.95 5.10
CA VAL A 181 26.46 8.07 4.41
C VAL A 181 26.79 7.97 2.92
N VAL A 182 25.95 8.61 2.11
CA VAL A 182 26.10 8.59 0.67
C VAL A 182 26.04 10.02 0.14
N PHE A 183 26.50 10.19 -1.09
CA PHE A 183 26.63 11.50 -1.70
C PHE A 183 25.85 11.55 -3.00
N TYR A 184 25.00 12.57 -3.14
CA TYR A 184 24.14 12.72 -4.31
C TYR A 184 24.55 13.99 -5.05
N ASP A 185 25.21 13.80 -6.20
CA ASP A 185 25.45 14.89 -7.14
C ASP A 185 24.18 15.08 -7.94
N VAL A 186 23.38 16.08 -7.54
CA VAL A 186 22.04 16.22 -8.09
C VAL A 186 22.08 16.73 -9.53
N ARG A 187 23.10 17.50 -9.89
CA ARG A 187 23.17 18.04 -11.24
C ARG A 187 23.18 16.92 -12.28
N ARG A 188 23.98 15.88 -12.03
CA ARG A 188 24.11 14.76 -12.95
C ARG A 188 23.28 13.56 -12.53
N ARG A 189 22.44 13.71 -11.51
CA ARG A 189 21.65 12.59 -10.98
C ARG A 189 22.57 11.39 -10.75
N ARG A 190 23.70 11.67 -10.11
CA ARG A 190 24.72 10.68 -9.79
C ARG A 190 24.72 10.43 -8.30
N LEU A 191 24.86 9.16 -7.90
CA LEU A 191 24.79 8.78 -6.50
C LEU A 191 25.96 7.87 -6.15
N PHE A 192 26.90 8.41 -5.36
CA PHE A 192 27.92 7.58 -4.72
C PHE A 192 27.28 6.96 -3.48
N CYS A 193 27.00 5.66 -3.55
CA CYS A 193 26.23 4.97 -2.53
C CYS A 193 27.04 3.99 -1.68
N GLY A 194 28.30 3.76 -2.01
CA GLY A 194 29.11 2.87 -1.20
C GLY A 194 28.47 1.50 -1.08
N ASP A 195 28.42 0.99 0.15
CA ASP A 195 27.85 -0.32 0.43
C ASP A 195 26.41 -0.22 0.94
N ALA A 196 25.78 0.96 0.85
CA ALA A 196 24.42 1.09 1.37
C ALA A 196 23.44 0.23 0.60
N LEU A 197 23.73 -0.09 -0.67
CA LEU A 197 22.92 -1.03 -1.44
C LEU A 197 23.47 -2.45 -1.39
N GLY A 198 24.78 -2.60 -1.23
CA GLY A 198 25.41 -3.89 -1.04
C GLY A 198 26.50 -4.12 -2.05
N GLU A 199 26.77 -5.38 -2.31
CA GLU A 199 27.77 -5.81 -3.28
C GLU A 199 27.06 -6.24 -4.55
N PHE A 200 27.34 -5.55 -5.65
CA PHE A 200 26.72 -5.90 -6.93
C PHE A 200 27.26 -7.24 -7.43
N ASP A 201 26.35 -8.12 -7.84
CA ASP A 201 26.73 -9.43 -8.36
C ASP A 201 27.09 -9.28 -9.84
N GLU A 202 28.39 -9.24 -10.12
CA GLU A 202 28.83 -9.03 -11.49
C GLU A 202 28.41 -10.15 -12.43
N ALA A 203 28.11 -11.33 -11.89
CA ALA A 203 27.75 -12.47 -12.73
C ALA A 203 26.26 -12.61 -12.97
N GLU A 204 25.42 -12.07 -12.08
CA GLU A 204 23.98 -12.22 -12.18
C GLU A 204 23.23 -10.91 -12.40
N GLY A 205 23.80 -9.78 -11.99
CA GLY A 205 23.16 -8.50 -12.18
C GLY A 205 22.21 -8.08 -11.08
N VAL A 206 22.31 -8.69 -9.90
CA VAL A 206 21.45 -8.36 -8.76
C VAL A 206 22.32 -7.97 -7.58
N TRP A 207 21.68 -7.43 -6.55
CA TRP A 207 22.38 -6.92 -5.39
C TRP A 207 22.50 -7.97 -4.30
N ARG A 208 23.65 -7.98 -3.63
CA ARG A 208 23.88 -8.85 -2.48
C ARG A 208 23.74 -8.02 -1.21
N PRO A 209 22.71 -8.23 -0.40
CA PRO A 209 22.55 -7.39 0.80
C PRO A 209 23.79 -7.42 1.68
N LEU A 210 24.16 -6.26 2.22
CA LEU A 210 25.29 -6.12 3.13
C LEU A 210 24.80 -5.38 4.38
N VAL A 211 24.01 -6.07 5.20
CA VAL A 211 23.44 -5.51 6.42
C VAL A 211 24.31 -5.98 7.59
N PHE A 212 25.15 -5.09 8.11
CA PHE A 212 26.10 -5.43 9.15
C PHE A 212 25.91 -4.58 10.41
N ASP A 213 24.72 -4.02 10.61
CA ASP A 213 24.46 -3.24 11.81
C ASP A 213 22.98 -3.27 12.19
N ASP A 214 22.11 -2.79 11.30
CA ASP A 214 20.68 -2.72 11.59
C ASP A 214 19.90 -2.88 10.31
N MET A 215 18.95 -3.82 10.29
CA MET A 215 18.15 -4.05 9.09
C MET A 215 17.05 -3.00 8.95
N GLU A 216 16.44 -2.59 10.07
CA GLU A 216 15.42 -1.56 10.00
C GLU A 216 16.00 -0.29 9.37
N ALA A 217 17.17 0.13 9.85
CA ALA A 217 17.79 1.33 9.31
C ALA A 217 18.22 1.14 7.86
N TYR A 218 18.76 -0.04 7.53
CA TYR A 218 19.15 -0.33 6.16
C TYR A 218 17.97 -0.19 5.21
N LEU A 219 16.84 -0.81 5.56
CA LEU A 219 15.65 -0.75 4.71
C LEU A 219 15.08 0.66 4.66
N GLU A 220 15.07 1.37 5.79
CA GLU A 220 14.55 2.74 5.80
C GLU A 220 15.41 3.65 4.93
N SER A 221 16.73 3.43 4.93
CA SER A 221 17.61 4.22 4.08
C SER A 221 17.37 3.90 2.61
N LEU A 222 17.25 2.62 2.26
CA LEU A 222 16.92 2.28 0.88
C LEU A 222 15.58 2.89 0.47
N GLU A 223 14.62 2.91 1.40
CA GLU A 223 13.34 3.57 1.15
C GLU A 223 13.56 5.03 0.80
N ARG A 224 14.26 5.77 1.68
CA ARG A 224 14.48 7.18 1.43
C ARG A 224 15.21 7.42 0.12
N LEU A 225 16.10 6.51 -0.26
CA LEU A 225 16.85 6.68 -1.49
C LEU A 225 16.00 6.40 -2.72
N GLN A 226 15.02 5.49 -2.60
CA GLN A 226 14.09 5.28 -3.71
C GLN A 226 13.42 6.58 -4.12
N ARG A 227 13.26 7.52 -3.18
CA ARG A 227 12.52 8.75 -3.43
C ARG A 227 13.31 9.79 -4.21
N LEU A 228 14.62 9.61 -4.37
CA LEU A 228 15.42 10.59 -5.07
C LEU A 228 14.99 10.67 -6.54
N PRO A 229 15.36 11.74 -7.23
CA PRO A 229 15.12 11.80 -8.67
C PRO A 229 15.73 10.60 -9.38
N THR A 230 15.11 10.20 -10.48
CA THR A 230 15.59 9.05 -11.24
C THR A 230 17.09 9.15 -11.49
N LEU A 231 17.82 8.14 -11.06
CA LEU A 231 19.28 8.16 -11.17
C LEU A 231 19.72 7.82 -12.58
N LEU A 232 20.74 8.53 -13.05
CA LEU A 232 21.42 8.19 -14.30
C LEU A 232 22.75 7.50 -14.07
N GLN A 233 23.38 7.70 -12.91
CA GLN A 233 24.67 7.10 -12.59
C GLN A 233 24.64 6.64 -11.13
N LEU A 234 24.84 5.35 -10.92
CA LEU A 234 24.85 4.75 -9.59
C LEU A 234 26.23 4.14 -9.35
N ILE A 235 26.97 4.69 -8.40
CA ILE A 235 28.35 4.31 -8.16
C ILE A 235 28.47 3.75 -6.76
N PRO A 236 28.51 2.42 -6.62
CA PRO A 236 28.76 1.81 -5.31
C PRO A 236 30.26 1.74 -5.05
N GLY A 237 30.60 1.28 -3.84
CA GLY A 237 31.99 1.18 -3.44
C GLY A 237 32.77 0.08 -4.14
N HIS A 238 32.09 -0.86 -4.80
CA HIS A 238 32.76 -1.95 -5.49
C HIS A 238 32.04 -2.21 -6.80
N GLY A 239 32.80 -2.35 -7.89
CA GLY A 239 32.26 -2.77 -9.16
C GLY A 239 32.25 -1.71 -10.24
N GLY A 240 32.48 -0.45 -9.91
CA GLY A 240 32.53 0.59 -10.91
C GLY A 240 31.29 1.46 -10.94
N LEU A 241 30.78 1.75 -12.14
CA LEU A 241 29.66 2.66 -12.33
C LEU A 241 28.55 1.96 -13.10
N LEU A 242 27.33 2.05 -12.58
CA LEU A 242 26.14 1.57 -13.27
C LEU A 242 25.41 2.74 -13.92
N ARG A 243 24.66 2.43 -14.98
CA ARG A 243 24.02 3.47 -15.76
C ARG A 243 22.68 2.95 -16.28
N GLY A 244 21.89 3.88 -16.81
CA GLY A 244 20.63 3.49 -17.44
C GLY A 244 19.66 2.90 -16.43
N ARG A 245 18.89 1.92 -16.89
CA ARG A 245 17.84 1.35 -16.05
C ARG A 245 18.41 0.60 -14.85
N LEU A 246 19.63 0.07 -14.96
CA LEU A 246 20.22 -0.64 -13.84
C LEU A 246 20.44 0.30 -12.65
N ALA A 247 20.88 1.52 -12.92
CA ALA A 247 21.09 2.50 -11.87
C ALA A 247 19.81 3.19 -11.44
N ALA A 248 18.80 3.24 -12.31
CA ALA A 248 17.56 3.92 -11.97
C ALA A 248 16.86 3.25 -10.79
N ASP A 249 16.61 1.94 -10.90
CA ASP A 249 15.90 1.20 -9.88
C ASP A 249 16.84 0.43 -8.94
N GLY A 250 18.03 0.97 -8.70
CA GLY A 250 18.98 0.27 -7.84
C GLY A 250 18.50 0.14 -6.42
N ALA A 251 17.92 1.21 -5.87
CA ALA A 251 17.48 1.18 -4.47
C ALA A 251 16.33 0.19 -4.28
N GLU A 252 15.33 0.23 -5.17
CA GLU A 252 14.23 -0.71 -5.07
C GLU A 252 14.71 -2.14 -5.21
N SER A 253 15.66 -2.38 -6.11
CA SER A 253 16.19 -3.73 -6.29
C SER A 253 16.92 -4.19 -5.04
N ALA A 254 17.69 -3.30 -4.40
CA ALA A 254 18.38 -3.67 -3.16
C ALA A 254 17.38 -4.00 -2.06
N TYR A 255 16.34 -3.18 -1.93
CA TYR A 255 15.25 -3.47 -0.99
C TYR A 255 14.67 -4.85 -1.24
N THR A 256 14.37 -5.16 -2.51
CA THR A 256 13.76 -6.43 -2.86
C THR A 256 14.69 -7.60 -2.52
N GLU A 257 15.97 -7.48 -2.86
CA GLU A 257 16.90 -8.57 -2.59
C GLU A 257 17.08 -8.78 -1.08
N CYS A 258 17.08 -7.68 -0.32
CA CYS A 258 17.16 -7.81 1.13
C CYS A 258 15.98 -8.58 1.69
N LEU A 259 14.76 -8.22 1.25
CA LEU A 259 13.59 -8.94 1.73
C LEU A 259 13.58 -10.38 1.24
N ARG A 260 14.13 -10.63 0.04
CA ARG A 260 14.23 -12.00 -0.46
C ARG A 260 15.12 -12.84 0.45
N LEU A 261 16.29 -12.30 0.81
CA LEU A 261 17.17 -13.02 1.73
C LEU A 261 16.50 -13.21 3.08
N CYS A 262 15.73 -12.22 3.53
CA CYS A 262 14.98 -12.38 4.77
C CYS A 262 14.05 -13.58 4.69
N ARG A 263 13.27 -13.66 3.61
CA ARG A 263 12.35 -14.79 3.46
C ARG A 263 13.10 -16.11 3.41
N ARG A 264 14.24 -16.14 2.71
CA ARG A 264 15.00 -17.38 2.62
C ARG A 264 15.49 -17.82 3.99
N LEU A 265 16.07 -16.89 4.75
CA LEU A 265 16.53 -17.21 6.09
C LEU A 265 15.38 -17.73 6.95
N LEU A 266 14.25 -17.03 6.93
CA LEU A 266 13.13 -17.42 7.79
C LEU A 266 12.60 -18.80 7.39
N TRP A 267 12.54 -19.09 6.09
CA TRP A 267 12.09 -20.42 5.67
C TRP A 267 13.07 -21.49 6.13
N ARG A 268 14.36 -21.27 5.91
CA ARG A 268 15.35 -22.25 6.35
C ARG A 268 15.30 -22.48 7.85
N GLN A 269 14.96 -21.46 8.62
CA GLN A 269 14.83 -21.64 10.06
C GLN A 269 13.54 -22.36 10.42
N SER A 270 12.47 -22.15 9.66
CA SER A 270 11.23 -22.88 9.91
C SER A 270 11.41 -24.38 9.71
N MET A 271 12.47 -24.79 9.00
CA MET A 271 12.78 -26.20 8.82
C MET A 271 13.80 -26.71 9.84
N GLY A 272 14.40 -25.83 10.63
CA GLY A 272 15.31 -26.24 11.67
C GLY A 272 16.78 -26.04 11.38
N GLU A 273 17.13 -25.16 10.44
CA GLU A 273 18.52 -24.90 10.12
C GLU A 273 19.11 -23.88 11.10
N SER A 274 20.44 -23.78 11.08
CA SER A 274 21.17 -22.82 11.88
C SER A 274 21.63 -21.66 11.02
N LEU A 275 22.01 -20.56 11.68
CA LEU A 275 22.54 -19.41 10.95
C LEU A 275 23.78 -19.80 10.16
N ASP A 276 24.62 -20.67 10.73
CA ASP A 276 25.92 -20.93 10.12
C ASP A 276 25.82 -21.82 8.89
N GLU A 277 24.78 -22.66 8.81
CA GLU A 277 24.56 -23.42 7.58
C GLU A 277 24.32 -22.49 6.40
N LEU A 278 23.38 -21.55 6.56
CA LEU A 278 23.13 -20.59 5.49
C LEU A 278 24.31 -19.65 5.31
N SER A 279 25.09 -19.40 6.37
CA SER A 279 26.30 -18.61 6.21
C SER A 279 27.28 -19.31 5.28
N GLU A 280 27.48 -20.61 5.50
CA GLU A 280 28.36 -21.39 4.62
C GLU A 280 27.83 -21.39 3.18
N GLU A 281 26.52 -21.56 3.02
CA GLU A 281 25.93 -21.53 1.68
C GLU A 281 26.19 -20.20 0.99
N LEU A 282 25.82 -19.10 1.66
CA LEU A 282 26.01 -17.77 1.08
C LEU A 282 27.48 -17.50 0.79
N HIS A 283 28.38 -17.98 1.64
CA HIS A 283 29.80 -17.81 1.39
C HIS A 283 30.21 -18.54 0.12
N ARG A 284 29.93 -19.84 0.06
CA ARG A 284 30.24 -20.62 -1.14
C ARG A 284 29.68 -19.95 -2.39
N ALA A 285 28.55 -19.27 -2.29
CA ALA A 285 27.93 -18.68 -3.47
C ALA A 285 28.46 -17.29 -3.81
N TRP A 286 28.96 -16.52 -2.83
CA TRP A 286 29.28 -15.12 -3.04
C TRP A 286 30.74 -14.76 -2.84
N GLY A 287 31.42 -15.36 -1.86
CA GLY A 287 32.74 -14.92 -1.45
C GLY A 287 33.78 -14.81 -2.56
N GLY A 288 33.53 -15.46 -3.70
CA GLY A 288 34.52 -15.47 -4.76
C GLY A 288 34.87 -14.09 -5.28
N GLN A 289 33.95 -13.14 -5.18
CA GLN A 289 34.18 -11.82 -5.76
C GLN A 289 35.19 -11.01 -4.95
N SER A 290 35.23 -11.22 -3.63
CA SER A 290 36.01 -10.37 -2.73
C SER A 290 37.21 -11.09 -2.12
N VAL A 291 37.81 -12.03 -2.85
CA VAL A 291 38.99 -12.70 -2.32
C VAL A 291 40.20 -11.78 -2.36
N ASP A 292 40.20 -10.81 -3.29
CA ASP A 292 41.37 -9.96 -3.45
C ASP A 292 41.48 -8.91 -2.36
N PHE A 293 40.37 -8.48 -1.78
CA PHE A 293 40.38 -7.41 -0.79
C PHE A 293 39.56 -7.77 0.45
N LEU A 294 39.39 -9.07 0.73
CA LEU A 294 38.67 -9.48 1.93
C LEU A 294 39.03 -10.92 2.28
N PRO A 295 39.69 -11.16 3.42
CA PRO A 295 39.96 -12.53 3.83
C PRO A 295 38.67 -13.33 3.94
N GLY A 296 38.73 -14.60 3.54
CA GLY A 296 37.54 -15.42 3.49
C GLY A 296 36.87 -15.56 4.84
N GLU A 297 37.66 -15.70 5.91
CA GLU A 297 37.08 -15.86 7.23
C GLU A 297 36.24 -14.65 7.61
N LEU A 298 36.72 -13.44 7.26
CA LEU A 298 35.94 -12.25 7.57
C LEU A 298 34.67 -12.17 6.74
N HIS A 299 34.71 -12.65 5.49
CA HIS A 299 33.49 -12.68 4.69
C HIS A 299 32.47 -13.63 5.29
N LEU A 300 32.92 -14.81 5.72
CA LEU A 300 32.01 -15.75 6.38
C LEU A 300 31.46 -15.16 7.67
N GLY A 301 32.29 -14.46 8.43
CA GLY A 301 31.81 -13.83 9.66
C GLY A 301 30.79 -12.74 9.38
N SER A 302 31.00 -11.97 8.31
CA SER A 302 30.03 -10.96 7.92
C SER A 302 28.72 -11.60 7.50
N MET A 303 28.78 -12.74 6.80
CA MET A 303 27.57 -13.47 6.47
C MET A 303 26.83 -13.90 7.73
N ARG A 304 27.56 -14.49 8.68
CA ARG A 304 26.93 -14.91 9.93
C ARG A 304 26.30 -13.73 10.65
N ARG A 305 26.97 -12.58 10.64
CA ARG A 305 26.45 -11.41 11.36
C ARG A 305 25.20 -10.85 10.68
N MET A 306 25.22 -10.75 9.34
CA MET A 306 24.03 -10.31 8.63
C MET A 306 22.87 -11.26 8.88
N LEU A 307 23.15 -12.57 8.92
CA LEU A 307 22.09 -13.54 9.18
C LEU A 307 21.55 -13.39 10.60
N GLU A 308 22.43 -13.13 11.57
CA GLU A 308 21.97 -12.80 12.92
C GLU A 308 21.01 -11.63 12.92
N ILE A 309 21.44 -10.52 12.28
CA ILE A 309 20.62 -9.31 12.30
C ILE A 309 19.28 -9.55 11.62
N LEU A 310 19.29 -10.29 10.51
CA LEU A 310 18.05 -10.57 9.81
C LEU A 310 17.12 -11.45 10.63
N SER A 311 17.66 -12.49 11.26
CA SER A 311 16.83 -13.32 12.13
C SER A 311 16.26 -12.50 13.27
N ARG A 312 17.00 -11.51 13.77
CA ARG A 312 16.49 -10.72 14.89
C ARG A 312 15.39 -9.77 14.45
N GLN A 313 15.65 -8.97 13.42
CA GLN A 313 14.76 -7.86 13.08
C GLN A 313 13.77 -8.18 11.97
N ALA A 314 13.92 -9.29 11.26
CA ALA A 314 12.96 -9.64 10.22
C ALA A 314 11.59 -9.91 10.83
N LEU A 315 10.56 -9.65 10.05
CA LEU A 315 9.19 -9.84 10.52
C LEU A 315 8.82 -11.33 10.39
N PRO A 316 8.48 -12.01 11.50
CA PRO A 316 8.15 -13.44 11.40
C PRO A 316 6.98 -13.73 10.47
N LEU A 317 6.60 -15.02 10.38
CA LEU A 317 5.55 -15.48 9.47
C LEU A 317 4.52 -16.25 10.28
N ASP A 318 3.63 -15.52 10.95
CA ASP A 318 2.57 -16.13 11.74
C ASP A 318 1.34 -15.23 11.79
N MET B 18 4.46 -26.22 12.22
CA MET B 18 5.20 -25.96 10.96
C MET B 18 4.56 -24.82 10.18
N LEU B 19 5.07 -24.55 8.99
CA LEU B 19 4.55 -23.51 8.12
C LEU B 19 4.08 -24.02 6.77
N ARG B 20 4.25 -25.31 6.47
CA ARG B 20 3.80 -25.89 5.22
C ARG B 20 3.17 -27.25 5.48
N LEU B 21 1.95 -27.44 4.95
CA LEU B 21 1.28 -28.73 5.02
C LEU B 21 1.60 -29.51 3.74
N SER B 22 1.96 -30.77 3.91
CA SER B 22 2.37 -31.59 2.77
C SER B 22 2.16 -33.06 3.03
N ALA B 23 0.93 -33.54 2.86
CA ALA B 23 0.62 -34.95 3.07
C ALA B 23 -0.77 -35.26 2.54
N PRO B 24 -0.96 -36.40 1.87
CA PRO B 24 -2.33 -36.79 1.49
C PRO B 24 -3.23 -36.89 2.71
N GLY B 25 -4.51 -36.63 2.50
CA GLY B 25 -5.50 -36.67 3.54
C GLY B 25 -6.15 -35.32 3.77
N GLN B 26 -6.85 -35.21 4.89
CA GLN B 26 -7.59 -34.00 5.20
C GLN B 26 -6.64 -32.83 5.44
N LEU B 27 -6.91 -31.71 4.75
CA LEU B 27 -6.15 -30.48 4.97
C LEU B 27 -6.71 -29.67 6.13
N ASP B 28 -8.01 -29.43 6.14
CA ASP B 28 -8.67 -28.71 7.21
C ASP B 28 -10.07 -29.29 7.38
N ASP B 29 -10.93 -28.58 8.11
CA ASP B 29 -12.23 -29.11 8.51
C ASP B 29 -13.09 -29.57 7.34
N ASP B 30 -12.75 -29.21 6.10
CA ASP B 30 -13.64 -29.47 4.96
C ASP B 30 -12.99 -30.12 3.76
N LEU B 31 -11.66 -30.13 3.67
CA LEU B 31 -11.00 -30.49 2.43
C LEU B 31 -10.07 -31.69 2.61
N CYS B 32 -9.81 -32.38 1.50
CA CYS B 32 -8.88 -33.49 1.49
C CYS B 32 -7.96 -33.40 0.27
N LEU B 33 -6.71 -33.82 0.45
CA LEU B 33 -5.77 -33.96 -0.66
C LEU B 33 -5.65 -35.45 -0.98
N LEU B 34 -6.02 -35.82 -2.20
CA LEU B 34 -6.02 -37.20 -2.65
C LEU B 34 -4.90 -37.42 -3.65
N GLY B 35 -4.26 -38.58 -3.54
CA GLY B 35 -3.23 -38.97 -4.48
C GLY B 35 -1.84 -38.48 -4.12
N ASP B 36 -1.05 -38.16 -5.13
CA ASP B 36 0.33 -37.73 -4.93
C ASP B 36 0.37 -36.23 -4.73
N VAL B 37 1.14 -35.78 -3.73
CA VAL B 37 1.30 -34.35 -3.49
C VAL B 37 1.95 -33.66 -4.69
N GLN B 38 2.67 -34.42 -5.53
CA GLN B 38 3.25 -33.82 -6.73
C GLN B 38 2.19 -33.49 -7.77
N VAL B 39 1.24 -34.40 -7.96
CA VAL B 39 0.12 -34.20 -8.87
C VAL B 39 -1.18 -34.43 -8.08
N PRO B 40 -1.49 -33.59 -7.10
CA PRO B 40 -2.60 -33.89 -6.20
C PRO B 40 -3.96 -33.52 -6.76
N VAL B 41 -4.97 -34.23 -6.28
CA VAL B 41 -6.36 -33.87 -6.50
C VAL B 41 -6.92 -33.37 -5.18
N PHE B 42 -7.95 -32.54 -5.24
CA PHE B 42 -8.52 -31.94 -4.04
C PHE B 42 -10.01 -32.24 -3.96
N LEU B 43 -10.46 -32.55 -2.75
CA LEU B 43 -11.82 -33.01 -2.49
C LEU B 43 -12.50 -32.04 -1.53
N LEU B 44 -13.61 -31.46 -1.99
CA LEU B 44 -14.45 -30.57 -1.19
C LEU B 44 -15.66 -31.35 -0.67
N ARG B 45 -15.93 -31.26 0.63
CA ARG B 45 -17.16 -31.77 1.22
C ARG B 45 -18.15 -30.62 1.29
N LEU B 46 -19.00 -30.51 0.27
CA LEU B 46 -19.95 -29.41 0.23
C LEU B 46 -20.99 -29.55 1.33
N GLY B 47 -21.55 -30.75 1.49
CA GLY B 47 -22.54 -31.01 2.52
C GLY B 47 -22.50 -32.43 3.04
N GLU B 48 -23.56 -32.84 3.73
CA GLU B 48 -23.61 -34.21 4.26
C GLU B 48 -23.45 -35.23 3.16
N ALA B 49 -24.09 -35.01 2.01
CA ALA B 49 -24.08 -35.96 0.91
C ALA B 49 -23.84 -35.22 -0.41
N SER B 50 -22.73 -34.50 -0.48
CA SER B 50 -22.36 -33.78 -1.70
C SER B 50 -20.87 -33.48 -1.66
N TRP B 51 -20.17 -33.88 -2.72
CA TRP B 51 -18.73 -33.71 -2.80
C TRP B 51 -18.35 -33.14 -4.16
N ALA B 52 -17.15 -32.56 -4.23
CA ALA B 52 -16.64 -32.00 -5.48
C ALA B 52 -15.14 -32.21 -5.55
N LEU B 53 -14.62 -32.14 -6.77
CA LEU B 53 -13.20 -32.39 -7.04
C LEU B 53 -12.56 -31.20 -7.73
N VAL B 54 -11.24 -31.11 -7.59
CA VAL B 54 -10.43 -30.07 -8.21
C VAL B 54 -9.10 -30.66 -8.65
N GLU B 55 -8.66 -30.27 -9.85
CA GLU B 55 -7.45 -30.77 -10.50
C GLU B 55 -7.67 -32.19 -11.04
N GLY B 56 -7.29 -32.40 -12.30
CA GLY B 56 -7.48 -33.66 -12.99
C GLY B 56 -6.31 -34.61 -12.94
N GLY B 57 -5.19 -34.20 -12.36
CA GLY B 57 -4.09 -35.10 -12.08
C GLY B 57 -3.61 -35.85 -13.31
N ILE B 58 -3.02 -37.02 -13.06
CA ILE B 58 -2.41 -37.85 -14.09
C ILE B 58 -3.01 -39.25 -14.03
N SER B 59 -2.70 -40.05 -15.05
CA SER B 59 -3.13 -41.44 -15.06
C SER B 59 -2.32 -42.29 -14.09
N ARG B 60 -1.06 -41.93 -13.86
CA ARG B 60 -0.19 -42.72 -13.00
C ARG B 60 -0.68 -42.80 -11.57
N ASP B 61 -1.57 -41.89 -11.16
CA ASP B 61 -1.99 -41.79 -9.76
C ASP B 61 -3.44 -42.20 -9.52
N ALA B 62 -4.16 -42.67 -10.54
CA ALA B 62 -5.53 -43.12 -10.32
C ALA B 62 -5.57 -44.28 -9.33
N GLU B 63 -4.63 -45.23 -9.48
CA GLU B 63 -4.56 -46.37 -8.57
C GLU B 63 -4.37 -45.94 -7.14
N LEU B 64 -3.73 -44.79 -6.92
CA LEU B 64 -3.64 -44.21 -5.59
C LEU B 64 -4.90 -43.41 -5.26
N VAL B 65 -5.42 -42.69 -6.25
CA VAL B 65 -6.61 -41.88 -6.09
C VAL B 65 -7.68 -42.75 -5.46
N TRP B 66 -8.36 -43.56 -6.28
CA TRP B 66 -9.58 -44.22 -5.82
C TRP B 66 -9.42 -44.80 -4.42
N ALA B 67 -8.30 -45.47 -4.16
CA ALA B 67 -8.09 -46.09 -2.86
C ALA B 67 -8.03 -45.04 -1.75
N ASP B 68 -7.03 -44.16 -1.79
CA ASP B 68 -6.89 -43.15 -0.75
C ASP B 68 -8.18 -42.36 -0.58
N LEU B 69 -8.93 -42.17 -1.67
CA LEU B 69 -10.25 -41.55 -1.59
C LEU B 69 -11.19 -42.39 -0.73
N CYS B 70 -11.13 -43.72 -0.89
CA CYS B 70 -12.02 -44.59 -0.13
C CYS B 70 -11.95 -44.31 1.37
N ARG B 71 -10.81 -43.86 1.87
CA ARG B 71 -10.67 -43.60 3.30
C ARG B 71 -11.56 -42.46 3.77
N TRP B 72 -11.99 -41.58 2.87
CA TRP B 72 -12.72 -40.37 3.25
C TRP B 72 -14.15 -40.33 2.76
N VAL B 73 -14.45 -40.89 1.60
CA VAL B 73 -15.79 -40.87 1.02
C VAL B 73 -16.36 -42.29 1.09
N ALA B 74 -17.60 -42.41 1.54
CA ALA B 74 -18.27 -43.70 1.63
C ALA B 74 -18.91 -44.11 0.32
N ASP B 75 -19.46 -43.15 -0.42
CA ASP B 75 -20.15 -43.42 -1.68
C ASP B 75 -19.55 -42.52 -2.76
N PRO B 76 -18.98 -43.08 -3.84
CA PRO B 76 -18.42 -42.22 -4.89
C PRO B 76 -19.46 -41.52 -5.76
N SER B 77 -20.74 -41.90 -5.65
CA SER B 77 -21.77 -41.34 -6.51
C SER B 77 -22.09 -39.89 -6.19
N GLN B 78 -21.64 -39.37 -5.04
CA GLN B 78 -22.02 -38.05 -4.58
C GLN B 78 -21.05 -36.96 -5.01
N VAL B 79 -20.22 -37.21 -6.02
CA VAL B 79 -19.34 -36.21 -6.59
C VAL B 79 -20.08 -35.53 -7.74
N HIS B 80 -20.32 -34.23 -7.60
CA HIS B 80 -21.17 -33.49 -8.54
C HIS B 80 -20.42 -32.47 -9.39
N TYR B 81 -19.19 -32.12 -9.03
CA TYR B 81 -18.43 -31.14 -9.80
C TYR B 81 -16.97 -31.57 -9.87
N TRP B 82 -16.33 -31.25 -11.00
CA TRP B 82 -14.91 -31.49 -11.18
C TRP B 82 -14.31 -30.27 -11.87
N LEU B 83 -13.43 -29.56 -11.15
CA LEU B 83 -12.84 -28.32 -11.61
C LEU B 83 -11.45 -28.58 -12.17
N ILE B 84 -11.13 -27.93 -13.29
CA ILE B 84 -9.84 -28.08 -13.95
C ILE B 84 -9.23 -26.70 -14.16
N THR B 85 -7.98 -26.54 -13.74
CA THR B 85 -7.28 -25.26 -13.90
C THR B 85 -6.94 -25.02 -15.36
N HIS B 86 -6.21 -25.95 -15.98
CA HIS B 86 -5.84 -25.83 -17.39
C HIS B 86 -5.61 -27.22 -17.96
N LYS B 87 -5.06 -27.27 -19.17
CA LYS B 87 -5.02 -28.48 -19.99
C LYS B 87 -3.71 -29.24 -19.88
N HIS B 88 -2.80 -28.83 -19.00
CA HIS B 88 -1.52 -29.53 -18.88
C HIS B 88 -1.75 -30.97 -18.41
N TYR B 89 -0.82 -31.84 -18.79
CA TYR B 89 -0.97 -33.26 -18.47
C TYR B 89 -1.03 -33.51 -16.98
N ASP B 90 -0.29 -32.72 -16.19
CA ASP B 90 -0.22 -32.91 -14.75
C ASP B 90 -1.42 -32.33 -14.01
N HIS B 91 -2.49 -31.95 -14.72
CA HIS B 91 -3.66 -31.36 -14.08
C HIS B 91 -4.92 -31.68 -14.87
N CYS B 92 -5.00 -32.89 -15.43
CA CYS B 92 -6.11 -33.21 -16.32
C CYS B 92 -6.20 -34.67 -16.72
N GLY B 93 -5.13 -35.43 -16.51
CA GLY B 93 -5.04 -36.75 -17.10
C GLY B 93 -5.82 -37.88 -16.45
N LEU B 94 -6.88 -37.55 -15.69
CA LEU B 94 -7.69 -38.57 -15.04
C LEU B 94 -9.08 -38.72 -15.63
N LEU B 95 -9.43 -37.94 -16.65
CA LEU B 95 -10.77 -38.02 -17.21
C LEU B 95 -11.13 -39.44 -17.65
N PRO B 96 -10.26 -40.18 -18.35
CA PRO B 96 -10.61 -41.57 -18.69
C PRO B 96 -10.69 -42.48 -17.47
N TYR B 97 -9.94 -42.17 -16.41
CA TYR B 97 -9.81 -43.10 -15.29
C TYR B 97 -11.07 -43.11 -14.42
N LEU B 98 -11.41 -41.96 -13.83
CA LEU B 98 -12.39 -41.91 -12.76
C LEU B 98 -13.70 -41.25 -13.14
N CYS B 99 -13.74 -40.47 -14.21
CA CYS B 99 -14.96 -39.74 -14.54
C CYS B 99 -16.16 -40.65 -14.78
N PRO B 100 -16.04 -41.78 -15.50
CA PRO B 100 -17.24 -42.59 -15.80
C PRO B 100 -17.99 -43.06 -14.56
N ARG B 101 -17.33 -43.14 -13.41
CA ARG B 101 -17.92 -43.74 -12.22
C ARG B 101 -18.55 -42.73 -11.27
N LEU B 102 -18.58 -41.45 -11.65
CA LEU B 102 -19.25 -40.40 -10.89
C LEU B 102 -20.29 -39.80 -11.82
N PRO B 103 -21.40 -40.50 -12.05
CA PRO B 103 -22.28 -40.12 -13.17
C PRO B 103 -22.96 -38.78 -13.01
N ASN B 104 -23.19 -38.31 -11.79
CA ASN B 104 -23.86 -37.03 -11.55
C ASN B 104 -22.89 -35.87 -11.48
N VAL B 105 -21.73 -35.95 -12.13
CA VAL B 105 -20.68 -34.96 -12.02
C VAL B 105 -20.71 -34.05 -13.25
N GLN B 106 -20.61 -32.74 -13.01
CA GLN B 106 -20.48 -31.75 -14.06
C GLN B 106 -19.04 -31.22 -14.03
N VAL B 107 -18.24 -31.61 -15.02
CA VAL B 107 -16.95 -30.96 -15.21
C VAL B 107 -17.20 -29.50 -15.54
N LEU B 108 -16.48 -28.60 -14.88
CA LEU B 108 -16.60 -27.17 -15.13
C LEU B 108 -15.24 -26.65 -15.57
N ALA B 109 -15.17 -26.05 -16.75
CA ALA B 109 -13.88 -25.62 -17.27
C ALA B 109 -14.06 -24.45 -18.24
N SER B 110 -12.98 -23.68 -18.38
CA SER B 110 -12.98 -22.57 -19.31
C SER B 110 -13.08 -23.07 -20.75
N GLU B 111 -13.70 -22.25 -21.59
CA GLU B 111 -13.87 -22.61 -23.00
C GLU B 111 -12.56 -23.13 -23.60
N ARG B 112 -11.44 -22.46 -23.32
CA ARG B 112 -10.15 -22.91 -23.81
C ARG B 112 -9.89 -24.37 -23.43
N THR B 113 -10.09 -24.70 -22.15
CA THR B 113 -9.76 -26.03 -21.67
C THR B 113 -10.64 -27.09 -22.34
N CYS B 114 -11.95 -26.84 -22.41
CA CYS B 114 -12.85 -27.79 -23.05
C CYS B 114 -12.47 -27.99 -24.51
N GLN B 115 -12.27 -26.89 -25.24
CA GLN B 115 -11.92 -26.99 -26.65
C GLN B 115 -10.61 -27.76 -26.83
N ALA B 116 -9.64 -27.55 -25.94
CA ALA B 116 -8.42 -28.33 -25.99
C ALA B 116 -8.72 -29.82 -25.82
N TRP B 117 -9.58 -30.15 -24.85
CA TRP B 117 -9.99 -31.54 -24.68
C TRP B 117 -10.63 -32.10 -25.93
N LYS B 118 -11.30 -31.25 -26.72
CA LYS B 118 -11.95 -31.72 -27.93
C LYS B 118 -10.96 -31.98 -29.07
N SER B 119 -9.79 -31.35 -29.04
CA SER B 119 -8.81 -31.53 -30.10
C SER B 119 -8.02 -32.82 -29.90
N GLU B 120 -7.71 -33.49 -31.01
CA GLU B 120 -7.01 -34.77 -30.95
C GLU B 120 -5.54 -34.59 -30.61
N SER B 121 -4.91 -33.54 -31.14
CA SER B 121 -3.47 -33.36 -30.93
C SER B 121 -3.17 -33.13 -29.45
N ALA B 122 -3.96 -32.30 -28.79
CA ALA B 122 -3.73 -32.00 -27.38
C ALA B 122 -3.87 -33.25 -26.53
N VAL B 123 -4.94 -34.03 -26.77
CA VAL B 123 -5.13 -35.24 -25.99
C VAL B 123 -4.02 -36.23 -26.27
N ARG B 124 -3.51 -36.27 -27.50
CA ARG B 124 -2.39 -37.16 -27.80
C ARG B 124 -1.14 -36.76 -27.01
N VAL B 125 -0.83 -35.45 -27.00
CA VAL B 125 0.32 -34.98 -26.23
C VAL B 125 0.16 -35.36 -24.76
N VAL B 126 -1.03 -35.10 -24.20
CA VAL B 126 -1.26 -35.38 -22.79
C VAL B 126 -1.13 -36.88 -22.51
N GLU B 127 -1.67 -37.71 -23.41
CA GLU B 127 -1.61 -39.15 -23.21
C GLU B 127 -0.16 -39.64 -23.24
N ARG B 128 0.65 -39.13 -24.17
CA ARG B 128 2.04 -39.55 -24.21
C ARG B 128 2.78 -39.13 -22.96
N LEU B 129 2.60 -37.87 -22.53
CA LEU B 129 3.29 -37.40 -21.34
C LEU B 129 2.86 -38.15 -20.09
N ASN B 130 1.59 -38.57 -20.02
CA ASN B 130 1.14 -39.36 -18.89
C ASN B 130 1.70 -40.78 -18.96
N ARG B 131 1.70 -41.39 -20.15
CA ARG B 131 2.27 -42.71 -20.32
C ARG B 131 3.74 -42.73 -19.92
N GLN B 132 4.44 -41.62 -20.12
CA GLN B 132 5.84 -41.57 -19.74
C GLN B 132 6.08 -41.70 -18.23
N LEU B 133 5.03 -41.80 -17.41
CA LEU B 133 5.19 -41.76 -15.95
C LEU B 133 4.69 -43.01 -15.24
N LEU B 134 4.29 -44.05 -15.98
CA LEU B 134 3.80 -45.26 -15.34
C LEU B 134 4.96 -46.16 -14.91
N ARG B 135 4.64 -47.08 -14.00
CA ARG B 135 5.61 -48.05 -13.53
C ARG B 135 5.58 -49.29 -14.42
N ALA B 136 6.72 -49.97 -14.50
CA ALA B 136 6.82 -51.17 -15.33
C ALA B 136 5.88 -52.28 -14.88
N GLU B 137 5.25 -52.14 -13.70
CA GLU B 137 4.31 -53.13 -13.22
C GLU B 137 2.85 -52.66 -13.28
N GLN B 138 2.61 -51.35 -13.35
CA GLN B 138 1.26 -50.83 -13.30
C GLN B 138 0.49 -51.20 -14.57
N ARG B 139 -0.74 -51.67 -14.39
CA ARG B 139 -1.65 -51.93 -15.50
C ARG B 139 -2.68 -50.81 -15.59
N LEU B 140 -3.07 -50.48 -16.81
CA LEU B 140 -3.96 -49.35 -17.03
C LEU B 140 -5.41 -49.73 -16.68
N PRO B 141 -6.08 -48.97 -15.81
CA PRO B 141 -7.52 -49.20 -15.60
C PRO B 141 -8.34 -48.73 -16.79
N GLU B 142 -9.66 -48.88 -16.71
CA GLU B 142 -10.52 -48.58 -17.85
C GLU B 142 -10.44 -47.10 -18.22
N ALA B 143 -10.90 -46.79 -19.44
CA ALA B 143 -10.79 -45.44 -19.98
C ALA B 143 -12.01 -45.14 -20.84
N CYS B 144 -12.24 -43.85 -21.08
CA CYS B 144 -13.35 -43.38 -21.90
C CYS B 144 -12.84 -42.29 -22.82
N ALA B 145 -13.76 -41.70 -23.58
CA ALA B 145 -13.41 -40.72 -24.61
C ALA B 145 -13.39 -39.30 -24.06
N TRP B 146 -12.83 -38.39 -24.85
CA TRP B 146 -12.66 -37.00 -24.44
C TRP B 146 -13.85 -36.12 -24.80
N ASP B 147 -14.40 -36.27 -26.01
CA ASP B 147 -15.53 -35.46 -26.42
C ASP B 147 -16.83 -35.86 -25.74
N ALA B 148 -16.85 -36.98 -25.01
CA ALA B 148 -18.05 -37.45 -24.33
C ALA B 148 -18.08 -37.06 -22.86
N LEU B 149 -17.19 -36.16 -22.44
CA LEU B 149 -17.11 -35.82 -21.03
C LEU B 149 -18.27 -34.93 -20.60
N PRO B 150 -18.69 -34.99 -19.33
CA PRO B 150 -19.77 -34.12 -18.84
C PRO B 150 -19.26 -32.72 -18.55
N VAL B 151 -19.15 -31.92 -19.61
CA VAL B 151 -18.44 -30.65 -19.56
C VAL B 151 -19.44 -29.50 -19.56
N ARG B 152 -19.03 -28.40 -18.92
CA ARG B 152 -19.81 -27.17 -18.88
C ARG B 152 -18.83 -26.00 -18.84
N ALA B 153 -19.08 -25.01 -19.70
CA ALA B 153 -18.20 -23.86 -19.81
C ALA B 153 -18.48 -22.88 -18.68
N VAL B 154 -17.41 -22.39 -18.06
CA VAL B 154 -17.51 -21.37 -17.02
C VAL B 154 -16.80 -20.12 -17.50
N ALA B 155 -17.09 -19.00 -16.83
CA ALA B 155 -16.60 -17.70 -17.24
C ALA B 155 -15.82 -17.05 -16.10
N ASP B 156 -14.99 -16.08 -16.47
CA ASP B 156 -14.23 -15.34 -15.47
C ASP B 156 -15.18 -14.65 -14.51
N GLY B 157 -14.95 -14.84 -13.22
CA GLY B 157 -15.78 -14.24 -12.19
C GLY B 157 -17.07 -14.99 -11.91
N GLU B 158 -17.30 -16.13 -12.56
CA GLU B 158 -18.51 -16.89 -12.29
C GLU B 158 -18.53 -17.38 -10.85
N TRP B 159 -19.68 -17.28 -10.20
CA TRP B 159 -19.85 -17.71 -8.82
C TRP B 159 -20.37 -19.13 -8.79
N LEU B 160 -19.63 -20.02 -8.13
CA LEU B 160 -19.97 -21.44 -8.04
C LEU B 160 -20.56 -21.71 -6.66
N GLU B 161 -21.88 -21.72 -6.57
CA GLU B 161 -22.56 -22.07 -5.33
C GLU B 161 -22.43 -23.56 -5.08
N LEU B 162 -21.20 -24.01 -4.82
CA LEU B 162 -20.95 -25.44 -4.67
C LEU B 162 -21.65 -25.98 -3.44
N GLY B 163 -21.47 -25.34 -2.29
CA GLY B 163 -22.07 -25.82 -1.06
C GLY B 163 -22.52 -24.70 -0.16
N PRO B 164 -23.31 -25.03 0.87
CA PRO B 164 -23.80 -23.98 1.78
C PRO B 164 -22.68 -23.21 2.44
N ARG B 165 -21.53 -23.84 2.63
CA ARG B 165 -20.35 -23.19 3.19
C ARG B 165 -19.22 -23.09 2.16
N HIS B 166 -19.53 -23.27 0.88
CA HIS B 166 -18.54 -23.24 -0.19
C HIS B 166 -19.10 -22.41 -1.35
N ARG B 167 -18.77 -21.12 -1.34
CA ARG B 167 -19.06 -20.20 -2.45
C ARG B 167 -17.71 -19.77 -3.00
N LEU B 168 -17.30 -20.38 -4.11
CA LEU B 168 -16.02 -20.11 -4.73
C LEU B 168 -16.22 -19.36 -6.04
N GLN B 169 -15.32 -18.41 -6.30
CA GLN B 169 -15.34 -17.65 -7.54
C GLN B 169 -14.18 -18.06 -8.42
N VAL B 170 -14.43 -18.04 -9.74
CA VAL B 170 -13.43 -18.37 -10.74
C VAL B 170 -12.73 -17.07 -11.17
N ILE B 171 -11.43 -17.17 -11.43
CA ILE B 171 -10.65 -16.01 -11.88
C ILE B 171 -9.74 -16.47 -13.00
N GLU B 172 -9.79 -15.76 -14.13
CA GLU B 172 -8.96 -16.10 -15.27
C GLU B 172 -7.52 -15.68 -15.01
N ALA B 173 -6.60 -16.65 -15.03
CA ALA B 173 -5.20 -16.38 -14.72
C ALA B 173 -4.30 -16.78 -15.89
N HIS B 174 -4.58 -16.28 -17.08
CA HIS B 174 -3.74 -16.57 -18.24
C HIS B 174 -2.30 -16.15 -17.95
N GLY B 175 -1.37 -16.77 -18.68
CA GLY B 175 0.05 -16.52 -18.48
C GLY B 175 0.84 -17.80 -18.45
N HIS B 176 0.70 -18.57 -17.38
CA HIS B 176 1.28 -19.92 -17.36
C HIS B 176 0.80 -20.72 -18.56
N SER B 177 -0.44 -20.50 -18.98
CA SER B 177 -0.98 -21.04 -20.22
C SER B 177 -2.07 -20.10 -20.71
N ASP B 178 -2.53 -20.34 -21.93
CA ASP B 178 -3.56 -19.51 -22.53
C ASP B 178 -4.96 -19.81 -21.99
N ASP B 179 -5.05 -20.55 -20.88
CA ASP B 179 -6.35 -20.95 -20.36
C ASP B 179 -6.38 -21.10 -18.85
N HIS B 180 -5.28 -20.88 -18.14
CA HIS B 180 -5.24 -21.16 -16.72
C HIS B 180 -6.28 -20.34 -15.98
N VAL B 181 -6.90 -20.96 -14.98
CA VAL B 181 -7.88 -20.30 -14.13
C VAL B 181 -7.65 -20.77 -12.70
N VAL B 182 -8.07 -19.94 -11.75
CA VAL B 182 -7.87 -20.21 -10.33
C VAL B 182 -9.19 -20.02 -9.60
N PHE B 183 -9.25 -20.56 -8.39
CA PHE B 183 -10.50 -20.59 -7.64
C PHE B 183 -10.28 -20.01 -6.25
N TYR B 184 -11.16 -19.10 -5.84
CA TYR B 184 -11.05 -18.43 -4.56
C TYR B 184 -12.30 -18.70 -3.72
N ASP B 185 -12.11 -19.39 -2.60
CA ASP B 185 -13.13 -19.55 -1.57
C ASP B 185 -13.13 -18.29 -0.72
N VAL B 186 -14.21 -17.51 -0.83
CA VAL B 186 -14.26 -16.22 -0.14
C VAL B 186 -14.47 -16.41 1.36
N ARG B 187 -15.14 -17.48 1.75
CA ARG B 187 -15.44 -17.69 3.17
C ARG B 187 -14.17 -18.00 3.96
N ARG B 188 -13.35 -18.90 3.45
CA ARG B 188 -12.09 -19.26 4.10
C ARG B 188 -10.90 -18.51 3.54
N ARG B 189 -11.12 -17.60 2.59
CA ARG B 189 -10.04 -16.83 1.96
C ARG B 189 -8.96 -17.77 1.44
N ARG B 190 -9.39 -18.82 0.75
CA ARG B 190 -8.51 -19.91 0.33
C ARG B 190 -8.40 -19.90 -1.19
N LEU B 191 -7.16 -19.83 -1.70
CA LEU B 191 -6.94 -19.67 -3.14
C LEU B 191 -6.24 -20.89 -3.69
N PHE B 192 -6.93 -21.62 -4.58
CA PHE B 192 -6.31 -22.64 -5.41
C PHE B 192 -5.79 -21.98 -6.68
N CYS B 193 -4.47 -22.04 -6.87
CA CYS B 193 -3.81 -21.28 -7.92
C CYS B 193 -3.09 -22.13 -8.95
N GLY B 194 -2.92 -23.43 -8.72
CA GLY B 194 -2.26 -24.26 -9.71
C GLY B 194 -0.82 -23.81 -9.92
N ASP B 195 -0.51 -23.41 -11.15
CA ASP B 195 0.85 -23.01 -11.53
C ASP B 195 0.96 -21.53 -11.87
N ALA B 196 -0.13 -20.76 -11.73
CA ALA B 196 -0.08 -19.35 -12.13
C ALA B 196 0.98 -18.57 -11.36
N LEU B 197 1.30 -19.01 -10.14
CA LEU B 197 2.38 -18.39 -9.38
C LEU B 197 3.72 -19.07 -9.58
N GLY B 198 3.73 -20.33 -9.99
CA GLY B 198 4.96 -21.04 -10.26
C GLY B 198 5.13 -22.30 -9.44
N GLU B 199 6.38 -22.73 -9.27
CA GLU B 199 6.71 -23.93 -8.52
C GLU B 199 7.39 -23.49 -7.22
N PHE B 200 6.75 -23.77 -6.10
CA PHE B 200 7.28 -23.34 -4.80
C PHE B 200 8.58 -24.07 -4.49
N ASP B 201 9.62 -23.31 -4.18
CA ASP B 201 10.93 -23.86 -3.86
C ASP B 201 10.90 -24.38 -2.43
N GLU B 202 10.89 -25.71 -2.28
CA GLU B 202 10.78 -26.32 -0.95
C GLU B 202 12.02 -26.10 -0.10
N ALA B 203 13.16 -25.81 -0.73
CA ALA B 203 14.41 -25.67 0.02
C ALA B 203 14.71 -24.22 0.39
N GLU B 204 14.25 -23.26 -0.40
CA GLU B 204 14.52 -21.85 -0.16
C GLU B 204 13.29 -21.05 0.25
N GLY B 205 12.10 -21.47 -0.16
CA GLY B 205 10.88 -20.79 0.23
C GLY B 205 10.46 -19.64 -0.66
N VAL B 206 10.90 -19.61 -1.92
CA VAL B 206 10.52 -18.56 -2.86
C VAL B 206 9.83 -19.21 -4.05
N TRP B 207 9.41 -18.39 -5.01
CA TRP B 207 8.65 -18.86 -6.15
C TRP B 207 9.52 -18.98 -7.39
N ARG B 208 9.32 -20.07 -8.12
CA ARG B 208 10.01 -20.30 -9.39
C ARG B 208 9.05 -20.00 -10.53
N PRO B 209 9.30 -18.97 -11.34
CA PRO B 209 8.32 -18.62 -12.39
C PRO B 209 8.12 -19.77 -13.36
N LEU B 210 6.88 -19.90 -13.84
CA LEU B 210 6.51 -20.91 -14.83
C LEU B 210 5.72 -20.20 -15.95
N VAL B 211 6.42 -19.40 -16.74
CA VAL B 211 5.83 -18.66 -17.84
C VAL B 211 6.03 -19.50 -19.10
N PHE B 212 4.96 -20.17 -19.55
CA PHE B 212 5.04 -21.07 -20.69
C PHE B 212 4.13 -20.63 -21.83
N ASP B 213 3.57 -19.42 -21.77
CA ASP B 213 2.70 -18.94 -22.84
C ASP B 213 2.87 -17.44 -23.07
N ASP B 214 2.64 -16.64 -22.05
CA ASP B 214 2.71 -15.19 -22.18
C ASP B 214 3.18 -14.60 -20.85
N MET B 215 4.16 -13.72 -20.92
CA MET B 215 4.67 -13.09 -19.70
C MET B 215 3.77 -11.97 -19.22
N GLU B 216 3.27 -11.15 -20.15
CA GLU B 216 2.40 -10.05 -19.74
C GLU B 216 1.11 -10.58 -19.09
N ALA B 217 0.53 -11.63 -19.66
CA ALA B 217 -0.66 -12.22 -19.06
C ALA B 217 -0.35 -12.84 -17.71
N TYR B 218 0.82 -13.48 -17.58
CA TYR B 218 1.26 -14.02 -16.30
C TYR B 218 1.32 -12.93 -15.24
N LEU B 219 1.99 -11.83 -15.55
CA LEU B 219 2.16 -10.75 -14.59
C LEU B 219 0.84 -10.07 -14.27
N GLU B 220 0.00 -9.85 -15.28
CA GLU B 220 -1.30 -9.24 -15.03
C GLU B 220 -2.19 -10.16 -14.20
N SER B 221 -2.08 -11.47 -14.39
CA SER B 221 -2.83 -12.39 -13.55
C SER B 221 -2.35 -12.31 -12.10
N LEU B 222 -1.04 -12.28 -11.89
CA LEU B 222 -0.52 -12.11 -10.54
C LEU B 222 -1.04 -10.81 -9.93
N GLU B 223 -1.10 -9.74 -10.73
CA GLU B 223 -1.66 -8.48 -10.25
C GLU B 223 -3.11 -8.66 -9.81
N ARG B 224 -3.96 -9.12 -10.74
CA ARG B 224 -5.37 -9.31 -10.42
C ARG B 224 -5.56 -10.18 -9.18
N LEU B 225 -4.66 -11.13 -8.96
CA LEU B 225 -4.76 -11.95 -7.76
C LEU B 225 -4.33 -11.20 -6.51
N GLN B 226 -3.36 -10.27 -6.64
CA GLN B 226 -3.03 -9.43 -5.50
C GLN B 226 -4.22 -8.60 -5.03
N ARG B 227 -5.22 -8.40 -5.89
CA ARG B 227 -6.39 -7.61 -5.53
C ARG B 227 -7.37 -8.35 -4.64
N LEU B 228 -7.15 -9.64 -4.38
CA LEU B 228 -8.02 -10.39 -3.50
C LEU B 228 -7.77 -9.97 -2.05
N PRO B 229 -8.70 -10.31 -1.15
CA PRO B 229 -8.43 -10.13 0.28
C PRO B 229 -7.22 -10.95 0.71
N THR B 230 -6.62 -10.52 1.82
CA THR B 230 -5.44 -11.20 2.34
C THR B 230 -5.71 -12.70 2.48
N LEU B 231 -4.80 -13.50 1.94
CA LEU B 231 -5.00 -14.94 1.88
C LEU B 231 -4.56 -15.61 3.18
N LEU B 232 -5.35 -16.59 3.61
CA LEU B 232 -4.98 -17.47 4.71
C LEU B 232 -4.42 -18.80 4.24
N GLN B 233 -4.91 -19.32 3.11
CA GLN B 233 -4.49 -20.61 2.59
C GLN B 233 -4.22 -20.47 1.10
N LEU B 234 -3.03 -20.91 0.67
CA LEU B 234 -2.59 -20.82 -0.72
C LEU B 234 -2.23 -22.22 -1.19
N ILE B 235 -2.91 -22.70 -2.23
CA ILE B 235 -2.82 -24.08 -2.66
C ILE B 235 -2.41 -24.11 -4.13
N PRO B 236 -1.12 -24.29 -4.41
CA PRO B 236 -0.68 -24.45 -5.82
C PRO B 236 -0.84 -25.92 -6.28
N GLY B 237 -0.41 -26.16 -7.52
CA GLY B 237 -0.49 -27.51 -8.07
C GLY B 237 0.58 -28.47 -7.60
N HIS B 238 1.63 -27.96 -6.96
CA HIS B 238 2.73 -28.80 -6.49
C HIS B 238 3.19 -28.28 -5.13
N GLY B 239 3.31 -29.19 -4.17
CA GLY B 239 3.88 -28.86 -2.87
C GLY B 239 2.94 -29.04 -1.69
N GLY B 240 1.68 -28.67 -1.88
CA GLY B 240 0.71 -28.78 -0.80
C GLY B 240 -0.01 -27.48 -0.52
N LEU B 241 -0.05 -27.08 0.76
CA LEU B 241 -0.74 -25.87 1.18
C LEU B 241 0.19 -24.99 1.98
N LEU B 242 0.13 -23.69 1.71
CA LEU B 242 0.92 -22.67 2.40
C LEU B 242 0.00 -21.79 3.24
N ARG B 243 0.45 -21.48 4.45
CA ARG B 243 -0.31 -20.63 5.36
C ARG B 243 0.58 -19.48 5.84
N GLY B 244 -0.04 -18.54 6.54
CA GLY B 244 0.72 -17.43 7.09
C GLY B 244 1.19 -16.47 6.01
N ARG B 245 2.32 -15.82 6.30
CA ARG B 245 2.88 -14.85 5.37
C ARG B 245 2.98 -15.42 3.96
N LEU B 246 3.44 -16.67 3.84
CA LEU B 246 3.62 -17.27 2.51
C LEU B 246 2.37 -17.16 1.67
N ALA B 247 1.20 -17.32 2.29
CA ALA B 247 -0.05 -17.22 1.54
C ALA B 247 -0.43 -15.78 1.27
N ALA B 248 -0.16 -14.88 2.23
CA ALA B 248 -0.54 -13.48 2.07
C ALA B 248 0.11 -12.87 0.83
N ASP B 249 1.44 -12.78 0.82
CA ASP B 249 2.18 -12.15 -0.26
C ASP B 249 2.64 -13.15 -1.32
N GLY B 250 1.85 -14.20 -1.57
CA GLY B 250 2.23 -15.16 -2.58
C GLY B 250 2.31 -14.56 -3.97
N ALA B 251 1.28 -13.80 -4.36
CA ALA B 251 1.28 -13.18 -5.67
C ALA B 251 2.35 -12.10 -5.78
N GLU B 252 2.51 -11.28 -4.74
CA GLU B 252 3.55 -10.26 -4.74
C GLU B 252 4.93 -10.88 -4.94
N SER B 253 5.21 -11.95 -4.20
CA SER B 253 6.52 -12.60 -4.30
C SER B 253 6.70 -13.28 -5.65
N ALA B 254 5.64 -13.88 -6.19
CA ALA B 254 5.74 -14.49 -7.51
C ALA B 254 6.06 -13.45 -8.58
N TYR B 255 5.36 -12.32 -8.52
CA TYR B 255 5.65 -11.21 -9.43
C TYR B 255 7.10 -10.76 -9.30
N THR B 256 7.55 -10.55 -8.06
CA THR B 256 8.91 -10.09 -7.83
C THR B 256 9.93 -11.08 -8.39
N GLU B 257 9.71 -12.38 -8.19
CA GLU B 257 10.67 -13.37 -8.67
C GLU B 257 10.65 -13.47 -10.19
N CYS B 258 9.48 -13.30 -10.81
CA CYS B 258 9.41 -13.25 -12.26
C CYS B 258 10.23 -12.09 -12.80
N LEU B 259 10.09 -10.91 -12.20
CA LEU B 259 10.88 -9.78 -12.66
C LEU B 259 12.37 -9.98 -12.36
N ARG B 260 12.70 -10.67 -11.27
CA ARG B 260 14.09 -10.97 -10.96
C ARG B 260 14.71 -11.85 -12.04
N LEU B 261 13.96 -12.86 -12.47
CA LEU B 261 14.45 -13.71 -13.56
C LEU B 261 14.59 -12.90 -14.85
N CYS B 262 13.63 -12.01 -15.12
CA CYS B 262 13.75 -11.12 -16.27
C CYS B 262 15.08 -10.36 -16.23
N ARG B 263 15.38 -9.76 -15.07
CA ARG B 263 16.60 -8.97 -14.95
C ARG B 263 17.83 -9.84 -15.13
N ARG B 264 17.85 -11.03 -14.51
CA ARG B 264 18.99 -11.93 -14.67
C ARG B 264 19.22 -12.26 -16.14
N LEU B 265 18.15 -12.63 -16.85
CA LEU B 265 18.28 -12.99 -18.26
C LEU B 265 18.78 -11.81 -19.07
N LEU B 266 18.23 -10.62 -18.85
CA LEU B 266 18.65 -9.47 -19.64
C LEU B 266 20.10 -9.12 -19.37
N TRP B 267 20.53 -9.17 -18.10
CA TRP B 267 21.94 -8.91 -17.78
C TRP B 267 22.84 -9.92 -18.47
N ARG B 268 22.52 -11.20 -18.36
CA ARG B 268 23.34 -12.22 -19.00
C ARG B 268 23.40 -12.02 -20.50
N GLN B 269 22.30 -11.58 -21.10
CA GLN B 269 22.30 -11.33 -22.54
C GLN B 269 23.13 -10.11 -22.89
N SER B 270 23.19 -9.11 -21.99
CA SER B 270 24.00 -7.94 -22.24
C SER B 270 25.49 -8.26 -22.20
N MET B 271 25.88 -9.35 -21.55
CA MET B 271 27.26 -9.80 -21.52
C MET B 271 27.62 -10.74 -22.67
N GLY B 272 26.67 -11.01 -23.56
CA GLY B 272 26.95 -11.88 -24.69
C GLY B 272 26.75 -13.35 -24.43
N GLU B 273 25.81 -13.72 -23.56
CA GLU B 273 25.52 -15.11 -23.24
C GLU B 273 24.20 -15.52 -23.86
N SER B 274 24.12 -16.80 -24.23
CA SER B 274 22.97 -17.33 -24.93
C SER B 274 21.94 -17.89 -23.95
N LEU B 275 20.69 -17.98 -24.42
CA LEU B 275 19.63 -18.55 -23.60
C LEU B 275 19.97 -19.97 -23.16
N ASP B 276 20.80 -20.68 -23.93
CA ASP B 276 21.18 -22.03 -23.58
C ASP B 276 21.94 -22.07 -22.26
N GLU B 277 22.83 -21.09 -22.05
CA GLU B 277 23.59 -21.01 -20.81
C GLU B 277 22.66 -21.03 -19.60
N LEU B 278 21.77 -20.04 -19.53
CA LEU B 278 20.89 -19.92 -18.37
C LEU B 278 19.87 -21.04 -18.33
N SER B 279 19.46 -21.58 -19.49
CA SER B 279 18.53 -22.70 -19.48
C SER B 279 19.17 -23.92 -18.81
N GLU B 280 20.40 -24.24 -19.20
CA GLU B 280 21.11 -25.37 -18.59
C GLU B 280 21.35 -25.12 -17.10
N GLU B 281 21.73 -23.89 -16.75
CA GLU B 281 21.94 -23.56 -15.34
C GLU B 281 20.65 -23.76 -14.55
N LEU B 282 19.52 -23.25 -15.07
CA LEU B 282 18.25 -23.38 -14.38
C LEU B 282 17.83 -24.84 -14.26
N HIS B 283 18.05 -25.63 -15.31
CA HIS B 283 17.78 -27.05 -15.21
C HIS B 283 18.58 -27.66 -14.06
N ARG B 284 19.90 -27.51 -14.12
CA ARG B 284 20.76 -28.02 -13.05
C ARG B 284 20.23 -27.64 -11.67
N ALA B 285 19.81 -26.40 -11.50
CA ALA B 285 19.49 -25.90 -10.16
C ALA B 285 18.07 -26.21 -9.71
N TRP B 286 17.14 -26.47 -10.64
CA TRP B 286 15.73 -26.61 -10.29
C TRP B 286 15.15 -27.97 -10.63
N GLY B 287 15.47 -28.54 -11.79
CA GLY B 287 14.80 -29.73 -12.26
C GLY B 287 14.74 -30.85 -11.24
N GLY B 288 15.68 -30.85 -10.29
CA GLY B 288 15.67 -31.90 -9.28
C GLY B 288 14.37 -31.99 -8.51
N GLN B 289 13.63 -30.89 -8.44
CA GLN B 289 12.39 -30.88 -7.66
C GLN B 289 11.27 -31.62 -8.39
N SER B 290 11.15 -31.44 -9.69
CA SER B 290 10.08 -32.04 -10.48
C SER B 290 10.56 -33.26 -11.27
N VAL B 291 11.47 -34.05 -10.70
CA VAL B 291 11.96 -35.22 -11.41
C VAL B 291 10.96 -36.38 -11.37
N ASP B 292 10.06 -36.40 -10.39
CA ASP B 292 9.12 -37.51 -10.25
C ASP B 292 7.95 -37.42 -11.23
N PHE B 293 7.63 -36.23 -11.74
CA PHE B 293 6.47 -36.06 -12.61
C PHE B 293 6.79 -35.22 -13.84
N LEU B 294 8.04 -35.23 -14.29
CA LEU B 294 8.43 -34.43 -15.44
C LEU B 294 9.78 -34.89 -15.99
N PRO B 295 9.83 -35.47 -17.19
CA PRO B 295 11.12 -35.86 -17.77
C PRO B 295 12.07 -34.67 -17.84
N GLY B 296 13.32 -34.90 -17.44
CA GLY B 296 14.27 -33.81 -17.33
C GLY B 296 14.42 -33.02 -18.61
N GLU B 297 14.36 -33.71 -19.76
CA GLU B 297 14.49 -33.02 -21.03
C GLU B 297 13.35 -32.03 -21.23
N LEU B 298 12.14 -32.41 -20.82
CA LEU B 298 11.03 -31.46 -20.89
C LEU B 298 11.22 -30.30 -19.92
N HIS B 299 11.85 -30.55 -18.77
CA HIS B 299 12.14 -29.45 -17.86
C HIS B 299 13.09 -28.46 -18.51
N LEU B 300 14.15 -28.96 -19.15
CA LEU B 300 15.07 -28.07 -19.86
C LEU B 300 14.36 -27.32 -20.98
N GLY B 301 13.52 -28.03 -21.74
CA GLY B 301 12.78 -27.36 -22.80
C GLY B 301 11.84 -26.29 -22.28
N SER B 302 11.20 -26.54 -21.15
CA SER B 302 10.31 -25.54 -20.57
C SER B 302 11.08 -24.34 -20.05
N MET B 303 12.24 -24.59 -19.42
CA MET B 303 13.10 -23.48 -19.01
C MET B 303 13.46 -22.62 -20.22
N ARG B 304 13.83 -23.26 -21.32
CA ARG B 304 14.20 -22.52 -22.52
C ARG B 304 13.01 -21.75 -23.08
N ARG B 305 11.83 -22.36 -23.09
CA ARG B 305 10.64 -21.68 -23.57
C ARG B 305 10.34 -20.45 -22.74
N MET B 306 10.39 -20.59 -21.41
CA MET B 306 10.17 -19.45 -20.53
C MET B 306 11.19 -18.36 -20.78
N LEU B 307 12.47 -18.74 -20.92
CA LEU B 307 13.50 -17.74 -21.14
C LEU B 307 13.30 -17.03 -22.47
N GLU B 308 12.85 -17.75 -23.50
CA GLU B 308 12.59 -17.13 -24.78
C GLU B 308 11.43 -16.14 -24.67
N ILE B 309 10.34 -16.55 -24.02
CA ILE B 309 9.20 -15.64 -23.84
C ILE B 309 9.64 -14.38 -23.11
N LEU B 310 10.41 -14.55 -22.04
CA LEU B 310 10.89 -13.40 -21.27
C LEU B 310 11.76 -12.50 -22.12
N SER B 311 12.77 -13.07 -22.79
CA SER B 311 13.63 -12.29 -23.66
C SER B 311 12.84 -11.55 -24.73
N ARG B 312 11.70 -12.11 -25.13
CA ARG B 312 10.87 -11.45 -26.14
C ARG B 312 10.07 -10.30 -25.55
N GLN B 313 9.50 -10.48 -24.35
CA GLN B 313 8.58 -9.49 -23.79
C GLN B 313 9.18 -8.64 -22.69
N ALA B 314 10.40 -8.91 -22.26
CA ALA B 314 10.97 -8.15 -21.14
C ALA B 314 11.25 -6.71 -21.56
N LEU B 315 11.30 -5.83 -20.56
CA LEU B 315 11.59 -4.42 -20.79
C LEU B 315 13.10 -4.21 -20.87
N PRO B 316 13.62 -3.57 -21.93
CA PRO B 316 15.07 -3.41 -22.06
C PRO B 316 15.65 -2.38 -21.11
N LEU B 317 16.90 -1.97 -21.35
CA LEU B 317 17.59 -1.01 -20.51
C LEU B 317 18.33 -0.02 -21.40
N ASP B 318 18.83 1.05 -20.79
CA ASP B 318 19.48 2.13 -21.53
C ASP B 318 20.98 2.19 -21.23
CA MET C 1 5.28 0.03 14.53
C MET C 1 5.23 0.17 13.01
N ARG C 2 4.96 1.38 12.54
CA ARG C 2 4.94 1.66 11.10
C ARG C 2 6.21 1.12 10.45
N ASN C 3 6.06 0.13 9.56
CA ASN C 3 7.22 -0.57 9.02
C ASN C 3 7.12 -0.78 7.51
N ASP C 4 7.38 -2.01 7.06
CA ASP C 4 7.52 -2.30 5.63
C ASP C 4 6.53 -3.36 5.16
N GLY C 5 6.56 -4.57 5.74
CA GLY C 5 5.73 -5.66 5.31
C GLY C 5 4.26 -5.35 5.16
N GLY C 6 3.88 -4.78 4.03
CA GLY C 6 2.48 -4.57 3.71
C GLY C 6 1.93 -3.27 4.27
N PHE C 7 0.86 -2.80 3.63
CA PHE C 7 0.17 -1.60 4.09
C PHE C 7 -0.59 -1.85 5.38
N LEU C 8 -1.26 -3.00 5.50
CA LEU C 8 -2.00 -3.29 6.71
C LEU C 8 -1.10 -3.27 7.94
N LEU C 9 0.14 -3.76 7.79
CA LEU C 9 1.10 -3.70 8.88
C LEU C 9 1.36 -2.26 9.31
N TRP C 10 1.59 -1.38 8.33
CA TRP C 10 1.82 0.03 8.66
C TRP C 10 0.61 0.63 9.35
N TRP C 11 -0.60 0.28 8.88
CA TRP C 11 -1.81 0.78 9.52
C TRP C 11 -1.87 0.37 10.99
N ASP C 12 -1.72 -0.93 11.26
CA ASP C 12 -1.81 -1.41 12.64
C ASP C 12 -0.68 -0.84 13.49
N GLY C 13 0.52 -0.72 12.93
CA GLY C 13 1.62 -0.14 13.67
C GLY C 13 1.36 1.30 14.04
N LEU C 14 0.81 2.08 13.10
CA LEU C 14 0.47 3.47 13.39
C LEU C 14 -0.58 3.54 14.49
N ARG C 15 -1.61 2.70 14.40
CA ARG C 15 -2.64 2.68 15.43
C ARG C 15 -2.03 2.41 16.80
N SER C 16 -1.25 1.32 16.90
CA SER C 16 -0.65 0.96 18.18
C SER C 16 0.31 2.03 18.68
N GLU C 17 1.00 2.72 17.77
CA GLU C 17 1.93 3.76 18.18
C GLU C 17 1.18 4.98 18.70
N MET C 18 -0.04 5.20 18.22
CA MET C 18 -0.81 6.38 18.60
C MET C 18 -1.77 6.12 19.76
N GLN C 19 -2.02 4.86 20.08
CA GLN C 19 -2.97 4.56 21.17
C GLN C 19 -2.49 5.10 22.51
N PRO C 20 -1.24 4.89 22.94
CA PRO C 20 -0.82 5.34 24.28
C PRO C 20 -0.65 6.84 24.42
N ILE C 21 -0.81 7.63 23.36
CA ILE C 21 -0.45 9.05 23.44
C ILE C 21 -1.49 9.81 24.23
N HIS C 22 -1.01 10.56 25.24
CA HIS C 22 -1.86 11.38 26.09
C HIS C 22 -1.56 12.86 25.93
N ASP C 23 -0.83 13.26 24.88
CA ASP C 23 -0.44 14.64 24.66
C ASP C 23 -0.52 14.95 23.18
N SER C 24 -1.20 16.05 22.84
CA SER C 24 -1.42 16.37 21.43
C SER C 24 -0.11 16.64 20.70
N GLN C 25 0.87 17.20 21.39
CA GLN C 25 2.16 17.47 20.76
C GLN C 25 2.76 16.18 20.21
N GLY C 26 2.70 15.09 20.97
CA GLY C 26 3.22 13.82 20.48
C GLY C 26 2.42 13.27 19.31
N VAL C 27 1.11 13.54 19.28
CA VAL C 27 0.31 13.14 18.14
C VAL C 27 0.80 13.84 16.88
N PHE C 28 0.92 15.17 16.96
CA PHE C 28 1.46 15.92 15.82
C PHE C 28 2.87 15.45 15.47
N ALA C 29 3.66 15.05 16.46
CA ALA C 29 5.02 14.58 16.19
C ALA C 29 5.00 13.28 15.40
N VAL C 30 4.14 12.34 15.78
CA VAL C 30 4.02 11.10 15.02
C VAL C 30 3.54 11.40 13.61
N LEU C 31 2.60 12.34 13.48
CA LEU C 31 2.12 12.71 12.15
C LEU C 31 3.26 13.25 11.29
N GLU C 32 4.06 14.16 11.85
CA GLU C 32 5.19 14.70 11.10
C GLU C 32 6.19 13.62 10.73
N LYS C 33 6.49 12.71 11.65
CA LYS C 33 7.39 11.61 11.35
C LYS C 33 6.90 10.83 10.14
N GLU C 34 5.62 10.44 10.16
CA GLU C 34 5.10 9.66 9.02
C GLU C 34 5.08 10.50 7.75
N VAL C 35 4.79 11.80 7.86
CA VAL C 35 4.77 12.66 6.69
C VAL C 35 6.15 12.67 6.03
N ARG C 36 7.20 12.88 6.82
CA ARG C 36 8.55 12.85 6.26
C ARG C 36 8.88 11.45 5.73
N ARG C 37 8.43 10.41 6.43
CA ARG C 37 8.59 9.06 5.90
C ARG C 37 7.99 8.95 4.52
N LEU C 38 6.93 9.72 4.25
CA LEU C 38 6.29 9.69 2.93
C LEU C 38 7.15 10.38 1.89
N GLY C 39 7.81 11.48 2.26
CA GLY C 39 8.75 12.12 1.37
C GLY C 39 8.62 13.64 1.25
N PHE C 40 7.76 14.25 2.05
CA PHE C 40 7.53 15.69 2.01
C PHE C 40 8.25 16.40 3.13
N ASP C 41 8.41 17.72 2.96
CA ASP C 41 9.17 18.54 3.88
C ASP C 41 8.30 19.12 4.99
N TYR C 42 7.16 19.69 4.65
CA TYR C 42 6.28 20.31 5.61
C TYR C 42 4.87 19.71 5.49
N TYR C 43 4.08 19.92 6.54
CA TYR C 43 2.69 19.50 6.54
C TYR C 43 1.87 20.59 7.23
N ALA C 44 0.55 20.41 7.21
CA ALA C 44 -0.35 21.36 7.84
C ALA C 44 -1.69 20.67 8.07
N TYR C 45 -2.38 21.11 9.11
CA TYR C 45 -3.70 20.60 9.45
C TYR C 45 -4.59 21.79 9.74
N GLY C 46 -5.66 21.91 8.96
CA GLY C 46 -6.56 23.06 9.05
C GLY C 46 -7.97 22.61 9.40
N VAL C 47 -8.66 23.43 10.19
CA VAL C 47 -10.03 23.19 10.58
C VAL C 47 -10.83 24.42 10.18
N ARG C 48 -11.72 24.26 9.20
CA ARG C 48 -12.67 25.30 8.82
C ARG C 48 -14.00 25.04 9.52
N HIS C 49 -14.40 26.00 10.35
CA HIS C 49 -15.71 26.01 10.97
C HIS C 49 -16.75 26.56 10.01
N THR C 50 -18.01 26.28 10.31
CA THR C 50 -19.12 26.72 9.47
C THR C 50 -19.60 28.12 9.82
N ILE C 51 -19.29 28.61 11.02
CA ILE C 51 -19.77 29.91 11.48
C ILE C 51 -18.60 30.72 12.03
N PRO C 52 -18.67 32.06 12.02
CA PRO C 52 -19.75 32.92 11.47
C PRO C 52 -19.90 32.77 9.97
N PHE C 53 -21.15 32.72 9.48
CA PHE C 53 -21.38 32.48 8.06
C PHE C 53 -20.70 33.53 7.19
N THR C 54 -20.58 34.76 7.68
CA THR C 54 -19.93 35.80 6.90
C THR C 54 -18.41 35.64 6.90
N ARG C 55 -17.82 35.40 8.07
CA ARG C 55 -16.39 35.18 8.23
C ARG C 55 -16.16 33.91 9.02
N PRO C 56 -16.24 32.75 8.38
CA PRO C 56 -16.06 31.49 9.13
C PRO C 56 -14.63 31.30 9.59
N LYS C 57 -14.49 30.87 10.85
CA LYS C 57 -13.16 30.60 11.40
C LYS C 57 -12.48 29.47 10.63
N THR C 58 -11.19 29.66 10.35
CA THR C 58 -10.34 28.65 9.71
C THR C 58 -9.02 28.64 10.50
N GLU C 59 -8.93 27.74 11.47
CA GLU C 59 -7.72 27.60 12.28
C GLU C 59 -6.75 26.64 11.59
N VAL C 60 -5.46 26.80 11.89
CA VAL C 60 -4.43 26.03 11.21
C VAL C 60 -3.31 25.74 12.20
N HIS C 61 -2.67 24.59 12.00
CA HIS C 61 -1.52 24.18 12.81
C HIS C 61 -0.68 23.22 12.01
N GLY C 62 0.63 23.46 11.96
CA GLY C 62 1.48 22.63 11.15
C GLY C 62 2.93 23.05 11.24
N THR C 63 3.69 22.70 10.21
CA THR C 63 5.14 22.91 10.20
C THR C 63 5.55 23.68 8.95
N TYR C 64 4.68 24.53 8.43
CA TYR C 64 5.08 25.49 7.43
C TYR C 64 5.96 26.55 8.09
N PRO C 65 6.80 27.24 7.33
CA PRO C 65 7.60 28.32 7.92
C PRO C 65 6.70 29.27 8.70
N LYS C 66 7.16 29.65 9.89
CA LYS C 66 6.33 30.49 10.75
C LYS C 66 6.06 31.84 10.11
N ALA C 67 7.02 32.36 9.33
CA ALA C 67 6.77 33.59 8.59
C ALA C 67 5.59 33.41 7.64
N TRP C 68 5.47 32.24 7.03
CA TRP C 68 4.34 32.00 6.15
C TRP C 68 3.03 31.95 6.92
N LEU C 69 3.04 31.46 8.16
CA LEU C 69 1.83 31.50 8.98
C LEU C 69 1.48 32.94 9.35
N GLU C 70 2.50 33.74 9.71
CA GLU C 70 2.31 35.16 9.93
C GLU C 70 1.59 35.80 8.76
N ARG C 71 2.14 35.63 7.55
CA ARG C 71 1.51 36.22 6.38
C ARG C 71 0.12 35.64 6.13
N TYR C 72 -0.03 34.33 6.32
CA TYR C 72 -1.28 33.66 6.01
C TYR C 72 -2.42 34.22 6.86
N GLN C 73 -2.22 34.31 8.16
CA GLN C 73 -3.26 34.83 9.03
C GLN C 73 -3.37 36.35 8.96
N MET C 74 -2.24 37.04 8.76
CA MET C 74 -2.27 38.50 8.69
C MET C 74 -3.21 38.98 7.59
N GLN C 75 -3.06 38.43 6.38
CA GLN C 75 -3.95 38.73 5.26
C GLN C 75 -5.12 37.77 5.18
N ASN C 76 -5.31 36.93 6.21
CA ASN C 76 -6.39 35.95 6.26
C ASN C 76 -6.58 35.27 4.90
N TYR C 77 -5.47 34.71 4.38
CA TYR C 77 -5.56 33.92 3.17
C TYR C 77 -6.40 32.67 3.37
N GLY C 78 -6.60 32.25 4.62
CA GLY C 78 -7.35 31.02 4.90
C GLY C 78 -8.79 31.07 4.45
N ALA C 79 -9.37 32.26 4.32
CA ALA C 79 -10.77 32.36 3.93
C ALA C 79 -11.01 31.70 2.57
N VAL C 80 -10.29 32.16 1.55
CA VAL C 80 -10.48 31.65 0.20
C VAL C 80 -9.22 30.94 -0.27
N ASP C 81 -8.80 29.91 0.47
CA ASP C 81 -7.72 29.04 0.04
C ASP C 81 -8.32 27.86 -0.73
N PRO C 82 -8.01 27.69 -2.02
CA PRO C 82 -8.69 26.63 -2.79
C PRO C 82 -8.51 25.25 -2.21
N ALA C 83 -7.33 24.93 -1.67
CA ALA C 83 -7.09 23.59 -1.14
C ALA C 83 -8.09 23.24 -0.06
N ILE C 84 -8.45 24.20 0.79
CA ILE C 84 -9.45 23.96 1.82
C ILE C 84 -10.85 23.95 1.23
N LEU C 85 -11.17 24.98 0.44
CA LEU C 85 -12.53 25.12 -0.06
C LEU C 85 -12.97 23.96 -0.95
N ASN C 86 -12.01 23.23 -1.53
CA ASN C 86 -12.39 22.06 -2.32
C ASN C 86 -13.17 21.06 -1.46
N GLY C 87 -12.80 20.93 -0.18
CA GLY C 87 -13.45 19.96 0.68
C GLY C 87 -14.94 20.21 0.87
N LEU C 88 -15.38 21.46 0.68
CA LEU C 88 -16.80 21.76 0.76
C LEU C 88 -17.57 21.15 -0.41
N ARG C 89 -16.88 20.77 -1.49
CA ARG C 89 -17.53 20.32 -2.71
C ARG C 89 -17.10 18.92 -3.14
N SER C 90 -16.05 18.36 -2.55
CA SER C 90 -15.54 17.06 -2.99
C SER C 90 -14.92 16.34 -1.80
N SER C 91 -14.94 15.00 -1.88
CA SER C 91 -14.24 14.16 -0.93
C SER C 91 -12.89 13.70 -1.48
N GLU C 92 -12.49 14.22 -2.63
CA GLU C 92 -11.26 13.82 -3.30
C GLU C 92 -10.08 14.66 -2.85
N MET C 93 -8.90 14.06 -2.88
CA MET C 93 -7.68 14.78 -2.57
C MET C 93 -7.39 15.79 -3.68
N VAL C 94 -6.71 16.87 -3.33
CA VAL C 94 -6.38 17.93 -4.26
C VAL C 94 -4.85 18.05 -4.32
N VAL C 95 -4.28 17.82 -5.50
CA VAL C 95 -2.87 18.03 -5.73
C VAL C 95 -2.68 19.48 -6.19
N TRP C 96 -1.79 20.20 -5.51
CA TRP C 96 -1.58 21.60 -5.81
C TRP C 96 -1.15 21.76 -7.27
N SER C 97 -1.75 22.74 -7.95
CA SER C 97 -1.49 22.95 -9.36
C SER C 97 -1.83 24.39 -9.72
N ASP C 98 -1.15 24.91 -10.73
CA ASP C 98 -1.40 26.28 -11.17
C ASP C 98 -2.89 26.48 -11.47
N SER C 99 -3.48 25.56 -12.24
CA SER C 99 -4.88 25.71 -12.61
C SER C 99 -5.77 25.82 -11.38
N LEU C 100 -5.42 25.10 -10.31
CA LEU C 100 -6.22 25.15 -9.09
C LEU C 100 -6.22 26.54 -8.48
N PHE C 101 -5.08 27.25 -8.55
CA PHE C 101 -4.91 28.53 -7.90
C PHE C 101 -5.15 29.71 -8.83
N ASP C 102 -5.76 29.47 -9.99
CA ASP C 102 -6.06 30.58 -10.89
C ASP C 102 -6.93 31.63 -10.22
N GLN C 103 -7.67 31.26 -9.17
CA GLN C 103 -8.55 32.20 -8.50
C GLN C 103 -7.82 33.04 -7.46
N SER C 104 -6.80 32.47 -6.81
CA SER C 104 -6.05 33.13 -5.73
C SER C 104 -4.57 33.14 -6.07
N ARG C 105 -4.18 34.02 -6.99
CA ARG C 105 -2.82 34.00 -7.52
C ARG C 105 -1.80 34.50 -6.48
N MET C 106 -2.19 35.48 -5.66
CA MET C 106 -1.25 36.02 -4.69
C MET C 106 -0.85 34.97 -3.66
N LEU C 107 -1.83 34.25 -3.13
CA LEU C 107 -1.53 33.21 -2.15
C LEU C 107 -0.59 32.17 -2.74
N TRP C 108 -0.85 31.73 -3.97
CA TRP C 108 -0.02 30.70 -4.58
C TRP C 108 1.40 31.21 -4.82
N ASN C 109 1.54 32.44 -5.30
CA ASN C 109 2.88 32.99 -5.51
C ASN C 109 3.63 33.08 -4.20
N GLU C 110 2.97 33.56 -3.13
CA GLU C 110 3.67 33.68 -1.86
C GLU C 110 4.03 32.33 -1.27
N ALA C 111 3.15 31.34 -1.41
CA ALA C 111 3.48 30.00 -0.94
C ALA C 111 4.67 29.43 -1.70
N ARG C 112 4.69 29.60 -3.02
CA ARG C 112 5.85 29.18 -3.80
C ARG C 112 7.11 29.88 -3.32
N ASP C 113 7.01 31.16 -2.98
CA ASP C 113 8.17 31.88 -2.47
C ASP C 113 8.72 31.26 -1.20
N TRP C 114 7.86 30.70 -0.36
CA TRP C 114 8.30 30.09 0.90
C TRP C 114 8.71 28.62 0.73
N GLY C 115 8.93 28.17 -0.50
CA GLY C 115 9.33 26.82 -0.77
C GLY C 115 8.19 25.84 -0.96
N LEU C 116 6.98 26.20 -0.56
CA LEU C 116 5.83 25.31 -0.74
C LEU C 116 5.48 25.21 -2.22
N CYS C 117 6.39 24.65 -3.01
CA CYS C 117 6.23 24.62 -4.46
C CYS C 117 5.40 23.42 -4.93
N VAL C 118 5.58 22.27 -4.28
CA VAL C 118 4.82 21.07 -4.61
C VAL C 118 4.05 20.67 -3.36
N GLY C 119 2.86 20.12 -3.55
CA GLY C 119 2.08 19.68 -2.40
C GLY C 119 0.73 19.16 -2.80
N ALA C 120 0.00 18.71 -1.80
CA ALA C 120 -1.34 18.17 -1.98
C ALA C 120 -2.14 18.40 -0.70
N THR C 121 -3.45 18.31 -0.84
CA THR C 121 -4.37 18.59 0.26
C THR C 121 -5.54 17.60 0.22
N LEU C 122 -5.85 17.00 1.37
CA LEU C 122 -6.92 16.04 1.49
C LEU C 122 -7.97 16.57 2.46
N PRO C 123 -9.26 16.70 2.04
CA PRO C 123 -10.28 17.14 2.98
C PRO C 123 -11.13 16.01 3.50
N ILE C 124 -11.74 16.20 4.67
CA ILE C 124 -12.73 15.28 5.23
C ILE C 124 -13.63 16.11 6.14
N ARG C 125 -14.84 15.62 6.37
CA ARG C 125 -15.82 16.29 7.23
C ARG C 125 -16.04 15.44 8.47
N ALA C 126 -15.70 16.01 9.64
CA ALA C 126 -15.95 15.35 10.90
C ALA C 126 -17.45 15.15 11.09
N PRO C 127 -17.86 14.23 11.97
CA PRO C 127 -19.29 13.98 12.18
C PRO C 127 -20.03 15.16 12.81
N ASN C 128 -19.36 16.28 13.05
CA ASN C 128 -19.98 17.48 13.58
C ASN C 128 -19.93 18.60 12.55
N ASN C 129 -19.86 18.23 11.27
CA ASN C 129 -19.94 19.15 10.14
C ASN C 129 -18.78 20.13 10.10
N LEU C 130 -17.65 19.76 10.69
CA LEU C 130 -16.42 20.53 10.57
C LEU C 130 -15.67 20.08 9.33
N LEU C 131 -14.93 21.01 8.72
CA LEU C 131 -14.14 20.68 7.53
C LEU C 131 -12.68 20.61 7.96
N SER C 132 -12.18 19.39 8.14
CA SER C 132 -10.78 19.19 8.47
C SER C 132 -10.01 18.90 7.18
N VAL C 133 -8.75 19.34 7.16
CA VAL C 133 -7.93 19.28 5.96
C VAL C 133 -6.50 18.98 6.35
N LEU C 134 -5.85 18.11 5.58
CA LEU C 134 -4.46 17.74 5.83
C LEU C 134 -3.67 18.00 4.55
N SER C 135 -2.69 18.90 4.64
CA SER C 135 -1.87 19.28 3.51
C SER C 135 -0.43 18.82 3.74
N VAL C 136 0.22 18.45 2.65
CA VAL C 136 1.64 18.11 2.67
C VAL C 136 2.32 18.89 1.54
N ALA C 137 3.60 19.20 1.75
CA ALA C 137 4.30 20.06 0.81
C ALA C 137 5.80 19.76 0.83
N ARG C 138 6.42 19.88 -0.33
CA ARG C 138 7.86 19.84 -0.50
C ARG C 138 8.24 20.89 -1.55
N ASP C 139 9.52 20.94 -1.89
CA ASP C 139 10.08 22.08 -2.60
C ASP C 139 10.43 21.81 -4.06
N GLN C 140 10.87 20.59 -4.41
CA GLN C 140 11.53 20.40 -5.69
C GLN C 140 11.01 19.25 -6.55
N GLN C 141 10.30 18.26 -6.00
CA GLN C 141 9.87 17.11 -6.78
C GLN C 141 8.36 17.12 -6.97
N ASN C 142 7.93 17.11 -8.24
CA ASN C 142 6.52 17.06 -8.56
C ASN C 142 5.92 15.70 -8.21
N ILE C 143 4.62 15.70 -7.97
CA ILE C 143 3.91 14.48 -7.58
C ILE C 143 3.52 13.70 -8.84
N SER C 144 4.07 12.50 -8.97
CA SER C 144 3.63 11.57 -10.01
C SER C 144 2.31 10.92 -9.59
N SER C 145 1.73 10.16 -10.52
CA SER C 145 0.39 9.61 -10.31
C SER C 145 0.41 8.45 -9.32
N PHE C 146 1.38 7.55 -9.46
CA PHE C 146 1.44 6.42 -8.54
C PHE C 146 1.66 6.93 -7.12
N GLU C 147 2.56 7.89 -6.95
CA GLU C 147 2.74 8.52 -5.65
C GLU C 147 1.49 9.28 -5.25
N ARG C 148 0.76 9.85 -6.22
CA ARG C 148 -0.51 10.50 -5.90
C ARG C 148 -1.44 9.55 -5.17
N GLU C 149 -1.61 8.34 -5.70
CA GLU C 149 -2.51 7.38 -5.06
C GLU C 149 -1.95 6.92 -3.71
N GLU C 150 -0.65 6.61 -3.66
CA GLU C 150 -0.04 6.21 -2.39
C GLU C 150 -0.32 7.25 -1.31
N ILE C 151 -0.01 8.52 -1.61
CA ILE C 151 -0.31 9.62 -0.71
C ILE C 151 -1.79 9.59 -0.33
N ARG C 152 -2.68 9.78 -1.31
CA ARG C 152 -4.11 9.80 -1.02
C ARG C 152 -4.47 8.78 0.07
N LEU C 153 -4.06 7.52 -0.12
CA LEU C 153 -4.44 6.48 0.84
C LEU C 153 -3.84 6.76 2.22
N ARG C 154 -2.52 6.97 2.28
CA ARG C 154 -1.87 7.12 3.59
C ARG C 154 -2.36 8.36 4.32
N LEU C 155 -2.51 9.47 3.60
CA LEU C 155 -3.02 10.70 4.19
C LEU C 155 -4.45 10.50 4.70
N ARG C 156 -5.29 9.79 3.94
CA ARG C 156 -6.63 9.52 4.44
C ARG C 156 -6.58 8.81 5.79
N CYS C 157 -5.83 7.71 5.86
CA CYS C 157 -5.69 7.01 7.13
C CYS C 157 -5.23 7.95 8.22
N MET C 158 -4.19 8.74 7.93
CA MET C 158 -3.56 9.57 8.95
C MET C 158 -4.51 10.66 9.45
N ILE C 159 -5.22 11.33 8.54
CA ILE C 159 -6.11 12.40 8.97
C ILE C 159 -7.30 11.86 9.73
N GLU C 160 -7.83 10.71 9.30
CA GLU C 160 -8.91 10.08 10.05
C GLU C 160 -8.47 9.82 11.50
N LEU C 161 -7.36 9.10 11.66
CA LEU C 161 -6.91 8.76 13.02
C LEU C 161 -6.55 10.02 13.81
N LEU C 162 -6.01 11.04 13.15
CA LEU C 162 -5.63 12.26 13.85
C LEU C 162 -6.86 12.99 14.38
N THR C 163 -7.86 13.20 13.52
CA THR C 163 -9.09 13.84 13.98
C THR C 163 -9.72 13.04 15.12
N GLN C 164 -9.71 11.72 15.02
CA GLN C 164 -10.25 10.90 16.10
C GLN C 164 -9.53 11.19 17.42
N LYS C 165 -8.19 11.12 17.40
CA LYS C 165 -7.44 11.31 18.63
C LYS C 165 -7.55 12.74 19.16
N LEU C 166 -7.67 13.73 18.27
CA LEU C 166 -7.78 15.11 18.74
C LEU C 166 -9.15 15.37 19.33
N THR C 167 -10.20 14.76 18.78
CA THR C 167 -11.50 14.82 19.44
C THR C 167 -11.45 14.14 20.81
N ASP C 168 -10.75 13.01 20.89
CA ASP C 168 -10.64 12.33 22.18
C ASP C 168 -9.85 13.15 23.20
N LEU C 169 -8.92 13.99 22.75
CA LEU C 169 -8.15 14.84 23.64
C LEU C 169 -8.74 16.25 23.80
N GLU C 170 -9.84 16.56 23.12
CA GLU C 170 -10.50 17.86 23.26
C GLU C 170 -9.52 19.00 23.02
N HIS C 171 -9.00 19.04 21.80
CA HIS C 171 -8.07 20.09 21.43
C HIS C 171 -8.82 21.42 21.28
N PRO C 172 -8.18 22.54 21.62
CA PRO C 172 -8.89 23.82 21.49
C PRO C 172 -9.23 24.17 20.05
N MET C 173 -8.39 23.77 19.11
CA MET C 173 -8.63 24.08 17.70
C MET C 173 -9.91 23.44 17.21
N LEU C 174 -10.21 22.22 17.66
CA LEU C 174 -11.43 21.54 17.27
C LEU C 174 -12.60 21.79 18.22
N MET C 175 -12.34 22.14 19.47
CA MET C 175 -13.42 22.36 20.42
C MET C 175 -14.40 23.42 19.93
N SER C 176 -14.00 24.25 18.97
CA SER C 176 -14.89 25.25 18.39
C SER C 176 -15.55 26.08 19.48
N ASN C 177 -16.69 25.63 19.97
CA ASN C 177 -17.41 26.31 21.04
C ASN C 177 -18.10 25.27 21.91
N PRO C 178 -17.64 25.06 23.15
CA PRO C 178 -18.26 24.02 23.99
C PRO C 178 -19.64 24.46 24.45
N VAL C 179 -20.67 23.84 23.90
CA VAL C 179 -22.06 24.14 24.25
C VAL C 179 -22.80 22.83 24.47
N CYS C 180 -23.45 22.71 25.62
CA CYS C 180 -24.23 21.53 25.98
C CYS C 180 -25.67 21.96 26.24
N LEU C 181 -26.61 21.26 25.61
CA LEU C 181 -28.03 21.53 25.78
C LEU C 181 -28.68 20.39 26.54
N SER C 182 -29.62 20.72 27.40
CA SER C 182 -30.37 19.69 28.10
C SER C 182 -31.36 19.03 27.14
N HIS C 183 -31.79 17.82 27.52
CA HIS C 183 -32.75 17.09 26.69
C HIS C 183 -33.95 17.97 26.35
N ARG C 184 -34.48 18.65 27.37
CA ARG C 184 -35.63 19.52 27.15
C ARG C 184 -35.29 20.65 26.20
N GLU C 185 -34.16 21.34 26.47
CA GLU C 185 -33.77 22.46 25.62
C GLU C 185 -33.45 22.01 24.21
N ARG C 186 -32.79 20.85 24.07
CA ARG C 186 -32.48 20.35 22.73
C ARG C 186 -33.74 20.01 21.95
N GLU C 187 -34.73 19.38 22.58
CA GLU C 187 -35.95 19.06 21.86
C GLU C 187 -36.76 20.32 21.54
N ILE C 188 -36.78 21.28 22.47
CA ILE C 188 -37.43 22.56 22.19
C ILE C 188 -36.78 23.24 21.00
N LEU C 189 -35.44 23.18 20.92
CA LEU C 189 -34.75 23.79 19.80
C LEU C 189 -35.01 23.02 18.51
N GLN C 190 -35.12 21.70 18.60
CA GLN C 190 -35.51 20.91 17.43
C GLN C 190 -36.86 21.37 16.91
N TRP C 191 -37.82 21.59 17.81
CA TRP C 191 -39.14 22.03 17.38
C TRP C 191 -39.11 23.45 16.82
N THR C 192 -38.35 24.34 17.45
CA THR C 192 -38.27 25.72 16.99
C THR C 192 -37.64 25.80 15.60
N ALA C 193 -36.52 25.08 15.40
CA ALA C 193 -35.86 25.05 14.12
C ALA C 193 -36.72 24.40 13.04
N ASP C 194 -37.80 23.73 13.42
CA ASP C 194 -38.78 23.23 12.46
C ASP C 194 -39.91 24.22 12.22
N GLY C 195 -39.87 25.40 12.84
CA GLY C 195 -40.80 26.47 12.57
C GLY C 195 -41.91 26.64 13.59
N LYS C 196 -41.91 25.85 14.66
CA LYS C 196 -42.99 25.95 15.64
C LYS C 196 -42.81 27.16 16.54
N SER C 197 -43.95 27.76 16.92
CA SER C 197 -43.94 28.92 17.81
C SER C 197 -43.89 28.47 19.26
N SER C 198 -43.76 29.46 20.16
CA SER C 198 -43.71 29.17 21.58
C SER C 198 -44.96 28.43 22.03
N GLY C 199 -46.14 28.90 21.60
CA GLY C 199 -47.38 28.28 22.03
C GLY C 199 -47.53 26.87 21.51
N GLU C 200 -47.15 26.64 20.25
CA GLU C 200 -47.24 25.29 19.70
C GLU C 200 -46.33 24.33 20.45
N ILE C 201 -45.12 24.78 20.80
CA ILE C 201 -44.22 23.94 21.58
C ILE C 201 -44.81 23.68 22.96
N ALA C 202 -45.38 24.71 23.59
CA ALA C 202 -46.01 24.51 24.89
C ALA C 202 -47.10 23.44 24.82
N ILE C 203 -47.92 23.50 23.77
CA ILE C 203 -48.97 22.49 23.60
C ILE C 203 -48.34 21.11 23.41
N ILE C 204 -47.38 21.00 22.49
CA ILE C 204 -46.84 19.69 22.12
C ILE C 204 -46.15 19.04 23.30
N LEU C 205 -45.28 19.77 23.98
CA LEU C 205 -44.54 19.24 25.11
C LEU C 205 -45.38 19.18 26.39
N SER C 206 -46.62 19.64 26.35
CA SER C 206 -47.51 19.59 27.51
C SER C 206 -46.93 20.40 28.66
N ILE C 207 -46.37 21.57 28.34
CA ILE C 207 -45.87 22.51 29.33
C ILE C 207 -46.43 23.89 29.00
N SER C 208 -46.12 24.86 29.86
CA SER C 208 -46.64 26.21 29.70
C SER C 208 -45.78 26.99 28.70
N GLU C 209 -46.35 28.07 28.18
CA GLU C 209 -45.63 28.90 27.23
C GLU C 209 -44.54 29.73 27.92
N SER C 210 -44.78 30.14 29.18
CA SER C 210 -43.74 30.82 29.93
C SER C 210 -42.52 29.94 30.11
N THR C 211 -42.72 28.65 30.39
CA THR C 211 -41.59 27.74 30.52
C THR C 211 -40.83 27.63 29.20
N VAL C 212 -41.55 27.56 28.09
CA VAL C 212 -40.89 27.43 26.79
C VAL C 212 -40.09 28.69 26.47
N ASN C 213 -40.64 29.86 26.78
CA ASN C 213 -39.92 31.10 26.53
C ASN C 213 -38.72 31.25 27.45
N PHE C 214 -38.82 30.77 28.69
CA PHE C 214 -37.64 30.79 29.57
C PHE C 214 -36.56 29.83 29.07
N HIS C 215 -36.97 28.69 28.53
CA HIS C 215 -36.00 27.79 27.92
C HIS C 215 -35.33 28.45 26.72
N HIS C 216 -36.12 29.17 25.92
CA HIS C 216 -35.53 29.96 24.83
C HIS C 216 -34.53 30.97 25.36
N LYS C 217 -34.86 31.66 26.45
CA LYS C 217 -33.93 32.62 27.04
C LYS C 217 -32.62 31.95 27.43
N ASN C 218 -32.71 30.82 28.13
CA ASN C 218 -31.50 30.07 28.48
C ASN C 218 -30.70 29.70 27.24
N ILE C 219 -31.37 29.17 26.23
CA ILE C 219 -30.67 28.73 25.02
C ILE C 219 -29.93 29.91 24.39
N GLN C 220 -30.61 31.05 24.26
CA GLN C 220 -29.95 32.25 23.75
C GLN C 220 -28.75 32.61 24.61
N LYS C 221 -28.88 32.50 25.93
CA LYS C 221 -27.77 32.81 26.83
C LYS C 221 -26.58 31.90 26.56
N LYS C 222 -26.83 30.62 26.24
CA LYS C 222 -25.71 29.71 26.00
C LYS C 222 -25.00 30.06 24.70
N PHE C 223 -25.76 30.32 23.64
CA PHE C 223 -25.20 30.64 22.34
C PHE C 223 -24.68 32.07 22.25
N ASP C 224 -24.82 32.87 23.32
CA ASP C 224 -24.53 34.30 23.26
C ASP C 224 -25.27 34.93 22.09
N ALA C 225 -26.54 34.57 21.95
CA ALA C 225 -27.34 34.97 20.82
C ALA C 225 -28.37 36.02 21.22
N PRO C 226 -28.74 36.93 20.30
CA PRO C 226 -29.73 37.96 20.63
C PRO C 226 -31.17 37.51 20.41
N ASN C 227 -31.36 36.45 19.63
CA ASN C 227 -32.69 35.96 19.30
C ASN C 227 -32.61 34.45 19.09
N LYS C 228 -33.72 33.86 18.64
CA LYS C 228 -33.79 32.43 18.41
C LYS C 228 -33.29 32.02 17.04
N THR C 229 -33.26 32.95 16.07
CA THR C 229 -32.78 32.62 14.74
C THR C 229 -31.30 32.22 14.79
N LEU C 230 -30.49 33.03 15.47
CA LEU C 230 -29.07 32.71 15.59
C LEU C 230 -28.87 31.38 16.30
N ALA C 231 -29.60 31.16 17.39
CA ALA C 231 -29.46 29.91 18.14
C ALA C 231 -29.79 28.71 17.27
N ALA C 232 -30.95 28.74 16.60
CA ALA C 232 -31.34 27.63 15.76
C ALA C 232 -30.34 27.41 14.63
N ALA C 233 -29.90 28.49 13.99
CA ALA C 233 -28.99 28.36 12.85
C ALA C 233 -27.66 27.77 13.29
N TYR C 234 -27.10 28.27 14.38
CA TYR C 234 -25.82 27.75 14.86
C TYR C 234 -25.94 26.32 15.36
N ALA C 235 -27.07 25.96 15.97
CA ALA C 235 -27.26 24.58 16.40
C ALA C 235 -27.36 23.65 15.21
N ALA C 236 -28.08 24.06 14.17
CA ALA C 236 -28.16 23.25 12.96
C ALA C 236 -26.79 23.12 12.30
N ALA C 237 -26.01 24.20 12.31
CA ALA C 237 -24.68 24.14 11.69
C ALA C 237 -23.72 23.28 12.51
N LEU C 238 -23.92 23.20 13.82
CA LEU C 238 -23.03 22.47 14.70
C LEU C 238 -23.48 21.04 14.96
N GLY C 239 -24.60 20.62 14.37
CA GLY C 239 -25.08 19.26 14.56
C GLY C 239 -25.59 18.96 15.95
N LEU C 240 -26.05 19.96 16.69
CA LEU C 240 -26.58 19.75 18.03
C LEU C 240 -28.04 19.36 18.03
N ILE C 241 -28.74 19.52 16.91
CA ILE C 241 -30.14 19.12 16.81
C ILE C 241 -30.33 18.21 15.61
N ASN D 3 5.57 -0.63 -5.79
CA ASN D 3 6.15 -1.21 -4.58
C ASN D 3 5.77 -0.38 -3.36
N ASP D 4 4.60 -0.67 -2.79
CA ASP D 4 4.06 0.13 -1.69
C ASP D 4 2.74 -0.44 -1.17
N GLY D 5 2.57 -1.75 -1.27
CA GLY D 5 1.34 -2.38 -0.83
C GLY D 5 0.48 -2.95 -1.94
N GLY D 6 0.13 -4.23 -1.84
CA GLY D 6 -0.79 -4.83 -2.80
C GLY D 6 -2.21 -4.32 -2.71
N PHE D 7 -2.51 -3.51 -1.68
CA PHE D 7 -3.84 -2.92 -1.54
C PHE D 7 -4.07 -1.87 -2.62
N LEU D 8 -3.02 -1.11 -2.97
CA LEU D 8 -3.14 -0.11 -4.03
C LEU D 8 -3.65 -0.71 -5.33
N LEU D 9 -3.26 -1.95 -5.63
CA LEU D 9 -3.79 -2.61 -6.82
C LEU D 9 -5.32 -2.71 -6.75
N TRP D 10 -5.85 -3.15 -5.60
CA TRP D 10 -7.29 -3.23 -5.46
C TRP D 10 -7.95 -1.86 -5.58
N TRP D 11 -7.36 -0.85 -4.96
CA TRP D 11 -7.92 0.50 -5.04
C TRP D 11 -8.00 0.99 -6.48
N ASP D 12 -6.87 0.92 -7.21
CA ASP D 12 -6.86 1.39 -8.58
C ASP D 12 -7.79 0.57 -9.46
N GLY D 13 -7.87 -0.74 -9.22
CA GLY D 13 -8.78 -1.56 -9.99
C GLY D 13 -10.23 -1.16 -9.77
N LEU D 14 -10.61 -0.90 -8.52
CA LEU D 14 -11.96 -0.45 -8.24
C LEU D 14 -12.24 0.89 -8.93
N ARG D 15 -11.31 1.83 -8.83
CA ARG D 15 -11.50 3.12 -9.49
C ARG D 15 -11.70 2.93 -10.99
N SER D 16 -10.80 2.19 -11.63
CA SER D 16 -10.91 1.98 -13.08
C SER D 16 -12.20 1.27 -13.45
N GLU D 17 -12.68 0.37 -12.60
CA GLU D 17 -13.92 -0.34 -12.88
C GLU D 17 -15.13 0.57 -12.72
N MET D 18 -15.06 1.55 -11.83
CA MET D 18 -16.25 2.34 -11.53
C MET D 18 -16.35 3.67 -12.26
N GLN D 19 -15.24 4.23 -12.76
CA GLN D 19 -15.35 5.51 -13.45
C GLN D 19 -16.15 5.42 -14.74
N PRO D 20 -15.89 4.45 -15.64
CA PRO D 20 -16.61 4.47 -16.93
C PRO D 20 -18.11 4.22 -16.79
N ILE D 21 -18.59 3.88 -15.60
CA ILE D 21 -20.00 3.56 -15.40
C ILE D 21 -20.78 4.88 -15.32
N HIS D 22 -21.84 4.98 -16.13
CA HIS D 22 -22.68 6.17 -16.17
C HIS D 22 -24.10 5.90 -15.68
N ASP D 23 -24.31 4.77 -14.98
CA ASP D 23 -25.62 4.40 -14.48
C ASP D 23 -25.46 3.79 -13.10
N SER D 24 -26.30 4.24 -12.15
CA SER D 24 -26.15 3.83 -10.76
C SER D 24 -26.32 2.33 -10.59
N GLN D 25 -27.10 1.69 -11.45
CA GLN D 25 -27.30 0.25 -11.36
C GLN D 25 -25.96 -0.48 -11.38
N GLY D 26 -25.08 -0.11 -12.32
CA GLY D 26 -23.78 -0.75 -12.39
C GLY D 26 -22.89 -0.42 -11.21
N VAL D 27 -23.02 0.78 -10.66
CA VAL D 27 -22.25 1.15 -9.47
C VAL D 27 -22.61 0.24 -8.30
N PHE D 28 -23.91 0.13 -8.00
CA PHE D 28 -24.33 -0.77 -6.95
C PHE D 28 -23.94 -2.22 -7.25
N ALA D 29 -23.95 -2.60 -8.53
CA ALA D 29 -23.56 -3.96 -8.89
C ALA D 29 -22.09 -4.21 -8.55
N VAL D 30 -21.21 -3.26 -8.88
CA VAL D 30 -19.80 -3.38 -8.53
C VAL D 30 -19.64 -3.44 -7.02
N LEU D 31 -20.42 -2.64 -6.29
CA LEU D 31 -20.36 -2.67 -4.84
C LEU D 31 -20.67 -4.07 -4.32
N GLU D 32 -21.76 -4.67 -4.82
CA GLU D 32 -22.10 -6.03 -4.41
C GLU D 32 -21.00 -7.00 -4.81
N LYS D 33 -20.42 -6.82 -6.00
CA LYS D 33 -19.34 -7.68 -6.45
C LYS D 33 -18.23 -7.73 -5.40
N GLU D 34 -17.75 -6.55 -4.99
CA GLU D 34 -16.65 -6.51 -4.04
C GLU D 34 -17.07 -7.03 -2.67
N VAL D 35 -18.30 -6.70 -2.25
CA VAL D 35 -18.77 -7.17 -0.94
C VAL D 35 -18.76 -8.68 -0.89
N ARG D 36 -19.33 -9.33 -1.91
CA ARG D 36 -19.35 -10.79 -1.94
C ARG D 36 -17.96 -11.37 -2.08
N ARG D 37 -17.10 -10.71 -2.88
CA ARG D 37 -15.71 -11.15 -2.97
C ARG D 37 -15.04 -11.16 -1.60
N LEU D 38 -15.44 -10.26 -0.70
CA LEU D 38 -14.82 -10.22 0.62
C LEU D 38 -15.26 -11.41 1.46
N GLY D 39 -16.53 -11.82 1.35
CA GLY D 39 -17.00 -12.98 2.06
C GLY D 39 -18.35 -12.78 2.73
N PHE D 40 -19.00 -11.66 2.48
CA PHE D 40 -20.29 -11.36 3.07
C PHE D 40 -21.40 -11.64 2.07
N ASP D 41 -22.62 -11.80 2.60
CA ASP D 41 -23.75 -12.17 1.77
C ASP D 41 -24.53 -10.96 1.25
N TYR D 42 -24.85 -10.01 2.13
CA TYR D 42 -25.63 -8.86 1.73
C TYR D 42 -24.94 -7.56 2.14
N TYR D 43 -25.39 -6.47 1.53
CA TYR D 43 -24.89 -5.13 1.84
C TYR D 43 -26.05 -4.15 1.85
N ALA D 44 -25.74 -2.91 2.23
CA ALA D 44 -26.74 -1.85 2.29
C ALA D 44 -26.04 -0.50 2.28
N TYR D 45 -26.70 0.50 1.71
CA TYR D 45 -26.19 1.87 1.65
C TYR D 45 -27.32 2.79 2.05
N GLY D 46 -27.11 3.56 3.11
CA GLY D 46 -28.15 4.42 3.67
C GLY D 46 -27.73 5.87 3.68
N VAL D 47 -28.69 6.76 3.42
CA VAL D 47 -28.49 8.20 3.45
C VAL D 47 -29.48 8.77 4.44
N ARG D 48 -28.97 9.28 5.56
CA ARG D 48 -29.75 10.00 6.54
C ARG D 48 -29.58 11.49 6.29
N HIS D 49 -30.70 12.16 6.01
CA HIS D 49 -30.74 13.61 5.90
C HIS D 49 -30.85 14.24 7.28
N THR D 50 -30.55 15.54 7.35
CA THR D 50 -30.54 16.24 8.62
C THR D 50 -31.90 16.79 9.02
N ILE D 51 -32.82 16.95 8.08
CA ILE D 51 -34.14 17.52 8.39
C ILE D 51 -35.22 16.64 7.77
N PRO D 52 -36.45 16.64 8.33
CA PRO D 52 -36.89 17.34 9.55
C PRO D 52 -36.16 16.85 10.80
N PHE D 53 -35.78 17.77 11.69
CA PHE D 53 -35.00 17.37 12.86
C PHE D 53 -35.75 16.37 13.72
N THR D 54 -37.09 16.45 13.76
CA THR D 54 -37.89 15.52 14.55
C THR D 54 -38.04 14.18 13.83
N ARG D 55 -38.30 14.18 12.53
CA ARG D 55 -38.44 12.96 11.73
C ARG D 55 -37.48 13.04 10.56
N PRO D 56 -36.20 12.74 10.78
CA PRO D 56 -35.22 12.85 9.69
C PRO D 56 -35.41 11.77 8.64
N LYS D 57 -35.33 12.19 7.37
CA LYS D 57 -35.40 11.24 6.26
C LYS D 57 -34.24 10.26 6.33
N THR D 58 -34.54 8.98 6.10
CA THR D 58 -33.52 7.93 6.02
C THR D 58 -33.83 7.05 4.81
N GLU D 59 -33.23 7.37 3.67
CA GLU D 59 -33.41 6.56 2.48
C GLU D 59 -32.35 5.46 2.44
N VAL D 60 -32.66 4.37 1.74
CA VAL D 60 -31.80 3.19 1.76
C VAL D 60 -31.86 2.49 0.41
N HIS D 61 -30.78 1.79 0.07
CA HIS D 61 -30.71 0.98 -1.14
C HIS D 61 -29.70 -0.13 -0.91
N GLY D 62 -30.08 -1.36 -1.20
CA GLY D 62 -29.19 -2.47 -0.94
C GLY D 62 -29.79 -3.78 -1.39
N THR D 63 -29.31 -4.87 -0.78
CA THR D 63 -29.69 -6.22 -1.19
C THR D 63 -30.17 -7.06 -0.02
N TYR D 64 -30.73 -6.42 1.01
CA TYR D 64 -31.44 -7.18 2.04
C TYR D 64 -32.77 -7.68 1.48
N PRO D 65 -33.33 -8.74 2.09
CA PRO D 65 -34.65 -9.21 1.66
C PRO D 65 -35.67 -8.08 1.63
N LYS D 66 -36.51 -8.08 0.59
CA LYS D 66 -37.49 -7.01 0.42
C LYS D 66 -38.48 -6.98 1.58
N ALA D 67 -38.86 -8.16 2.09
CA ALA D 67 -39.76 -8.20 3.25
C ALA D 67 -39.13 -7.52 4.46
N TRP D 68 -37.82 -7.69 4.64
CA TRP D 68 -37.15 -7.04 5.77
C TRP D 68 -37.14 -5.53 5.60
N LEU D 69 -37.01 -5.03 4.37
CA LEU D 69 -37.07 -3.58 4.17
C LEU D 69 -38.48 -3.07 4.38
N GLU D 70 -39.48 -3.81 3.91
CA GLU D 70 -40.87 -3.45 4.19
C GLU D 70 -41.06 -3.30 5.71
N ARG D 71 -40.63 -4.30 6.47
CA ARG D 71 -40.73 -4.21 7.93
C ARG D 71 -39.95 -3.01 8.47
N TYR D 72 -38.77 -2.76 7.91
CA TYR D 72 -37.91 -1.67 8.37
C TYR D 72 -38.61 -0.33 8.23
N GLN D 73 -39.18 -0.06 7.06
CA GLN D 73 -39.84 1.22 6.85
C GLN D 73 -41.20 1.27 7.55
N MET D 74 -41.89 0.14 7.64
CA MET D 74 -43.18 0.10 8.33
C MET D 74 -43.04 0.60 9.77
N GLN D 75 -42.05 0.07 10.49
CA GLN D 75 -41.79 0.47 11.86
C GLN D 75 -40.80 1.63 11.95
N ASN D 76 -40.47 2.26 10.83
CA ASN D 76 -39.52 3.37 10.77
C ASN D 76 -38.29 3.10 11.63
N TYR D 77 -37.67 1.94 11.42
CA TYR D 77 -36.43 1.62 12.10
C TYR D 77 -35.31 2.58 11.71
N GLY D 78 -35.43 3.28 10.59
CA GLY D 78 -34.38 4.20 10.20
C GLY D 78 -34.19 5.33 11.19
N ALA D 79 -35.25 5.67 11.92
CA ALA D 79 -35.17 6.74 12.92
C ALA D 79 -34.17 6.38 14.01
N VAL D 80 -34.40 5.26 14.69
CA VAL D 80 -33.56 4.86 15.82
C VAL D 80 -32.84 3.55 15.52
N ASP D 81 -32.07 3.54 14.42
CA ASP D 81 -31.17 2.42 14.14
C ASP D 81 -29.80 2.76 14.71
N PRO D 82 -29.30 2.02 15.71
CA PRO D 82 -28.02 2.42 16.32
C PRO D 82 -26.86 2.44 15.34
N ALA D 83 -26.83 1.50 14.40
CA ALA D 83 -25.74 1.47 13.42
C ALA D 83 -25.66 2.78 12.65
N ILE D 84 -26.81 3.36 12.33
CA ILE D 84 -26.83 4.64 11.63
C ILE D 84 -26.47 5.77 12.59
N LEU D 85 -27.11 5.78 13.77
CA LEU D 85 -26.93 6.88 14.70
C LEU D 85 -25.49 7.01 15.17
N ASN D 86 -24.71 5.93 15.08
CA ASN D 86 -23.29 6.03 15.43
C ASN D 86 -22.60 7.10 14.59
N GLY D 87 -22.97 7.22 13.32
CA GLY D 87 -22.35 8.17 12.43
C GLY D 87 -22.55 9.62 12.83
N LEU D 88 -23.58 9.90 13.63
CA LEU D 88 -23.81 11.27 14.08
C LEU D 88 -22.74 11.77 15.04
N ARG D 89 -22.03 10.86 15.72
CA ARG D 89 -21.08 11.24 16.73
C ARG D 89 -19.70 10.63 16.52
N SER D 90 -19.54 9.69 15.61
CA SER D 90 -18.26 9.03 15.39
C SER D 90 -18.12 8.64 13.93
N SER D 91 -16.87 8.66 13.45
CA SER D 91 -16.54 8.21 12.10
C SER D 91 -15.93 6.82 12.09
N GLU D 92 -15.91 6.13 13.22
CA GLU D 92 -15.26 4.82 13.31
C GLU D 92 -16.25 3.72 12.97
N MET D 93 -15.73 2.63 12.42
CA MET D 93 -16.59 1.50 12.05
C MET D 93 -17.18 0.84 13.29
N VAL D 94 -18.36 0.23 13.09
CA VAL D 94 -19.11 -0.42 14.16
C VAL D 94 -19.31 -1.88 13.79
N VAL D 95 -18.80 -2.77 14.63
CA VAL D 95 -19.05 -4.20 14.48
C VAL D 95 -20.33 -4.56 15.23
N TRP D 96 -21.27 -5.20 14.54
CA TRP D 96 -22.54 -5.53 15.16
C TRP D 96 -22.33 -6.39 16.40
N SER D 97 -23.03 -6.04 17.46
CA SER D 97 -22.89 -6.72 18.74
C SER D 97 -24.15 -6.47 19.56
N ASP D 98 -24.44 -7.41 20.46
CA ASP D 98 -25.61 -7.27 21.33
C ASP D 98 -25.59 -5.93 22.06
N SER D 99 -24.44 -5.57 22.64
CA SER D 99 -24.34 -4.33 23.39
C SER D 99 -24.78 -3.13 22.56
N LEU D 100 -24.48 -3.15 21.26
CA LEU D 100 -24.85 -2.03 20.40
C LEU D 100 -26.37 -1.87 20.33
N PHE D 101 -27.10 -2.98 20.32
CA PHE D 101 -28.54 -2.97 20.11
C PHE D 101 -29.34 -3.09 21.39
N ASP D 102 -28.71 -2.94 22.55
CA ASP D 102 -29.44 -3.06 23.81
C ASP D 102 -30.56 -2.03 23.93
N GLN D 103 -30.45 -0.90 23.24
CA GLN D 103 -31.48 0.13 23.30
C GLN D 103 -32.60 -0.11 22.29
N SER D 104 -32.30 -0.74 21.16
CA SER D 104 -33.30 -1.05 20.15
C SER D 104 -33.27 -2.55 19.93
N ARG D 105 -33.75 -3.30 20.92
CA ARG D 105 -33.60 -4.75 20.90
C ARG D 105 -34.53 -5.38 19.88
N MET D 106 -35.71 -4.79 19.65
CA MET D 106 -36.66 -5.40 18.70
C MET D 106 -36.07 -5.43 17.30
N LEU D 107 -35.44 -4.33 16.87
CA LEU D 107 -34.80 -4.29 15.56
C LEU D 107 -33.76 -5.37 15.43
N TRP D 108 -32.90 -5.53 16.44
CA TRP D 108 -31.84 -6.51 16.39
C TRP D 108 -32.41 -7.93 16.39
N ASN D 109 -33.44 -8.17 17.19
CA ASN D 109 -34.06 -9.49 17.22
C ASN D 109 -34.63 -9.85 15.85
N GLU D 110 -35.34 -8.91 15.23
CA GLU D 110 -35.94 -9.18 13.93
C GLU D 110 -34.86 -9.35 12.85
N ALA D 111 -33.80 -8.54 12.91
CA ALA D 111 -32.71 -8.71 11.95
C ALA D 111 -32.06 -10.07 12.11
N ARG D 112 -31.80 -10.50 13.34
CA ARG D 112 -31.27 -11.84 13.57
C ARG D 112 -32.23 -12.90 13.02
N ASP D 113 -33.53 -12.67 13.15
CA ASP D 113 -34.50 -13.59 12.57
C ASP D 113 -34.32 -13.70 11.07
N TRP D 114 -33.88 -12.62 10.41
CA TRP D 114 -33.64 -12.60 8.99
C TRP D 114 -32.25 -13.10 8.60
N GLY D 115 -31.52 -13.71 9.53
CA GLY D 115 -30.20 -14.23 9.23
C GLY D 115 -29.09 -13.21 9.33
N LEU D 116 -29.41 -11.91 9.38
CA LEU D 116 -28.39 -10.88 9.50
C LEU D 116 -27.75 -10.93 10.88
N CYS D 117 -27.05 -12.03 11.16
CA CYS D 117 -26.51 -12.27 12.50
C CYS D 117 -25.15 -11.60 12.71
N VAL D 118 -24.31 -11.56 11.69
CA VAL D 118 -23.01 -10.90 11.77
C VAL D 118 -22.96 -9.80 10.72
N GLY D 119 -22.31 -8.69 11.06
CA GLY D 119 -22.19 -7.61 10.10
C GLY D 119 -21.50 -6.41 10.72
N ALA D 120 -21.32 -5.40 9.89
CA ALA D 120 -20.68 -4.16 10.31
C ALA D 120 -21.21 -3.00 9.49
N THR D 121 -21.02 -1.79 10.00
CA THR D 121 -21.52 -0.57 9.38
C THR D 121 -20.49 0.54 9.56
N LEU D 122 -20.16 1.22 8.47
CA LEU D 122 -19.17 2.29 8.46
C LEU D 122 -19.83 3.60 8.03
N PRO D 123 -19.68 4.69 8.80
CA PRO D 123 -20.29 5.96 8.39
C PRO D 123 -19.32 6.92 7.73
N ILE D 124 -19.86 7.86 6.95
CA ILE D 124 -19.10 8.95 6.35
C ILE D 124 -20.04 10.13 6.15
N ARG D 125 -19.47 11.32 6.09
CA ARG D 125 -20.22 12.56 5.92
C ARG D 125 -19.95 13.10 4.52
N ALA D 126 -21.01 13.16 3.70
CA ALA D 126 -20.86 13.74 2.38
C ALA D 126 -20.52 15.22 2.48
N PRO D 127 -19.96 15.82 1.43
CA PRO D 127 -19.60 17.25 1.49
C PRO D 127 -20.80 18.19 1.56
N ASN D 128 -22.02 17.67 1.62
CA ASN D 128 -23.23 18.48 1.71
C ASN D 128 -23.99 18.21 3.01
N ASN D 129 -23.28 17.84 4.07
CA ASN D 129 -23.87 17.65 5.40
C ASN D 129 -24.85 16.49 5.44
N LEU D 130 -24.75 15.55 4.51
CA LEU D 130 -25.55 14.34 4.51
C LEU D 130 -24.77 13.22 5.21
N LEU D 131 -25.49 12.30 5.85
CA LEU D 131 -24.85 11.17 6.54
C LEU D 131 -25.03 9.90 5.73
N SER D 132 -24.00 9.47 5.02
CA SER D 132 -24.06 8.21 4.30
C SER D 132 -23.40 7.10 5.12
N VAL D 133 -23.89 5.88 4.93
CA VAL D 133 -23.46 4.74 5.74
C VAL D 133 -23.47 3.50 4.85
N LEU D 134 -22.47 2.64 5.04
CA LEU D 134 -22.31 1.41 4.27
C LEU D 134 -22.24 0.22 5.22
N SER D 135 -23.19 -0.70 5.09
CA SER D 135 -23.27 -1.89 5.92
C SER D 135 -23.03 -3.15 5.09
N VAL D 136 -22.39 -4.14 5.71
CA VAL D 136 -22.22 -5.47 5.14
C VAL D 136 -22.64 -6.49 6.18
N ALA D 137 -23.14 -7.64 5.73
CA ALA D 137 -23.69 -8.62 6.64
C ALA D 137 -23.61 -10.03 6.07
N ARG D 138 -23.38 -10.99 6.97
CA ARG D 138 -23.46 -12.42 6.68
C ARG D 138 -24.10 -13.10 7.89
N ASP D 139 -24.22 -14.42 7.82
CA ASP D 139 -25.12 -15.15 8.72
C ASP D 139 -24.43 -15.98 9.79
N GLN D 140 -23.25 -16.54 9.54
CA GLN D 140 -22.70 -17.59 10.39
C GLN D 140 -21.31 -17.35 10.92
N GLN D 141 -20.52 -16.47 10.32
CA GLN D 141 -19.10 -16.32 10.65
C GLN D 141 -18.88 -14.97 11.30
N ASN D 142 -18.37 -14.98 12.53
CA ASN D 142 -18.01 -13.76 13.23
C ASN D 142 -16.79 -13.10 12.58
N ILE D 143 -16.64 -11.81 12.84
CA ILE D 143 -15.57 -11.02 12.24
C ILE D 143 -14.29 -11.26 13.04
N SER D 144 -13.27 -11.80 12.37
CA SER D 144 -11.95 -11.92 12.99
C SER D 144 -11.26 -10.56 13.02
N SER D 145 -10.13 -10.51 13.71
CA SER D 145 -9.50 -9.22 14.00
C SER D 145 -8.77 -8.65 12.80
N PHE D 146 -7.87 -9.43 12.19
CA PHE D 146 -7.13 -8.92 11.05
C PHE D 146 -8.08 -8.61 9.90
N GLU D 147 -9.05 -9.49 9.65
CA GLU D 147 -10.08 -9.19 8.67
C GLU D 147 -10.94 -8.01 9.13
N ARG D 148 -11.12 -7.84 10.44
CA ARG D 148 -11.84 -6.66 10.91
C ARG D 148 -11.19 -5.39 10.36
N GLU D 149 -9.88 -5.25 10.57
CA GLU D 149 -9.22 -4.02 10.12
C GLU D 149 -9.18 -3.92 8.60
N GLU D 150 -8.82 -5.02 7.93
CA GLU D 150 -8.80 -5.01 6.46
C GLU D 150 -10.14 -4.57 5.90
N ILE D 151 -11.23 -5.18 6.38
CA ILE D 151 -12.58 -4.77 6.00
C ILE D 151 -12.74 -3.28 6.22
N ARG D 152 -12.63 -2.82 7.48
CA ARG D 152 -12.76 -1.41 7.79
C ARG D 152 -12.16 -0.53 6.69
N LEU D 153 -10.90 -0.81 6.33
CA LEU D 153 -10.23 0.01 5.32
C LEU D 153 -10.95 -0.09 3.97
N ARG D 154 -11.23 -1.32 3.52
CA ARG D 154 -11.85 -1.48 2.21
C ARG D 154 -13.21 -0.80 2.15
N LEU D 155 -14.00 -0.94 3.21
CA LEU D 155 -15.30 -0.29 3.29
C LEU D 155 -15.17 1.23 3.24
N ARG D 156 -14.18 1.78 3.94
CA ARG D 156 -13.96 3.23 3.87
C ARG D 156 -13.71 3.66 2.43
N CYS D 157 -12.74 3.03 1.77
CA CYS D 157 -12.46 3.37 0.38
C CYS D 157 -13.71 3.27 -0.48
N MET D 158 -14.44 2.16 -0.33
CA MET D 158 -15.58 1.92 -1.21
C MET D 158 -16.68 2.94 -1.00
N ILE D 159 -16.99 3.29 0.25
CA ILE D 159 -18.06 4.24 0.48
C ILE D 159 -17.64 5.63 0.00
N GLU D 160 -16.37 5.99 0.18
CA GLU D 160 -15.90 7.26 -0.36
C GLU D 160 -16.16 7.31 -1.87
N LEU D 161 -15.65 6.32 -2.60
CA LEU D 161 -15.79 6.34 -4.05
C LEU D 161 -17.26 6.23 -4.47
N LEU D 162 -18.06 5.49 -3.71
CA LEU D 162 -19.48 5.33 -4.06
C LEU D 162 -20.23 6.64 -3.93
N THR D 163 -20.09 7.32 -2.79
CA THR D 163 -20.73 8.62 -2.63
C THR D 163 -20.27 9.58 -3.72
N GLN D 164 -18.96 9.57 -4.02
CA GLN D 164 -18.46 10.43 -5.09
C GLN D 164 -19.16 10.14 -6.42
N LYS D 165 -19.18 8.87 -6.82
CA LYS D 165 -19.72 8.52 -8.13
C LYS D 165 -21.23 8.73 -8.20
N LEU D 166 -21.94 8.53 -7.09
CA LEU D 166 -23.39 8.72 -7.08
C LEU D 166 -23.75 10.20 -7.11
N THR D 167 -22.98 11.03 -6.40
CA THR D 167 -23.16 12.48 -6.54
C THR D 167 -22.86 12.92 -7.96
N ASP D 168 -21.81 12.37 -8.56
CA ASP D 168 -21.49 12.69 -9.95
C ASP D 168 -22.60 12.20 -10.88
N LEU D 169 -23.32 11.17 -10.48
CA LEU D 169 -24.43 10.64 -11.28
C LEU D 169 -25.77 11.26 -10.89
N GLU D 170 -25.78 12.15 -9.90
CA GLU D 170 -26.97 12.88 -9.49
C GLU D 170 -28.12 11.93 -9.15
N HIS D 171 -27.88 11.08 -8.16
CA HIS D 171 -28.90 10.15 -7.70
C HIS D 171 -29.96 10.88 -6.89
N PRO D 172 -31.22 10.44 -6.96
CA PRO D 172 -32.25 11.12 -6.16
C PRO D 172 -32.09 10.92 -4.67
N MET D 173 -31.57 9.76 -4.25
CA MET D 173 -31.42 9.49 -2.82
C MET D 173 -30.48 10.48 -2.17
N LEU D 174 -29.47 10.96 -2.90
CA LEU D 174 -28.56 11.97 -2.38
C LEU D 174 -29.09 13.38 -2.58
N MET D 175 -29.95 13.57 -3.59
CA MET D 175 -30.54 14.88 -3.82
C MET D 175 -31.30 15.36 -2.59
N SER D 176 -31.30 16.67 -2.38
CA SER D 176 -32.03 17.30 -1.30
C SER D 176 -32.98 18.36 -1.85
N ASN D 177 -33.79 18.92 -0.96
CA ASN D 177 -34.78 19.94 -1.31
C ASN D 177 -34.16 21.02 -2.19
N PRO D 178 -34.57 21.12 -3.47
CA PRO D 178 -33.91 22.08 -4.37
C PRO D 178 -34.26 23.54 -4.12
N VAL D 179 -33.31 24.32 -3.58
CA VAL D 179 -33.49 25.75 -3.35
C VAL D 179 -32.23 26.46 -3.80
N CYS D 180 -32.39 27.51 -4.62
CA CYS D 180 -31.28 28.30 -5.12
C CYS D 180 -31.46 29.76 -4.72
N LEU D 181 -30.44 30.34 -4.10
CA LEU D 181 -30.43 31.74 -3.69
C LEU D 181 -29.37 32.51 -4.46
N SER D 182 -29.70 33.76 -4.80
CA SER D 182 -28.73 34.66 -5.41
C SER D 182 -27.77 35.19 -4.35
N HIS D 183 -26.63 35.71 -4.82
CA HIS D 183 -25.61 36.23 -3.91
C HIS D 183 -26.21 37.22 -2.92
N ARG D 184 -27.08 38.13 -3.39
CA ARG D 184 -27.65 39.13 -2.49
C ARG D 184 -28.51 38.49 -1.41
N GLU D 185 -29.46 37.64 -1.80
CA GLU D 185 -30.33 37.02 -0.79
C GLU D 185 -29.55 36.05 0.09
N ARG D 186 -28.58 35.33 -0.48
CA ARG D 186 -27.78 34.45 0.35
C ARG D 186 -26.99 35.25 1.38
N GLU D 187 -26.47 36.41 0.99
CA GLU D 187 -25.73 37.25 1.94
C GLU D 187 -26.65 37.81 3.01
N ILE D 188 -27.87 38.20 2.61
CA ILE D 188 -28.85 38.65 3.60
C ILE D 188 -29.12 37.54 4.60
N LEU D 189 -29.23 36.30 4.12
CA LEU D 189 -29.49 35.19 5.04
C LEU D 189 -28.27 34.90 5.90
N GLN D 190 -27.07 35.05 5.35
CA GLN D 190 -25.85 34.93 6.16
C GLN D 190 -25.87 35.92 7.32
N TRP D 191 -26.27 37.16 7.03
CA TRP D 191 -26.31 38.17 8.08
C TRP D 191 -27.41 37.88 9.09
N THR D 192 -28.59 37.45 8.63
CA THR D 192 -29.68 37.14 9.54
C THR D 192 -29.34 35.99 10.46
N ALA D 193 -28.80 34.90 9.89
CA ALA D 193 -28.38 33.75 10.67
C ALA D 193 -27.24 34.06 11.61
N ASP D 194 -26.57 35.21 11.45
CA ASP D 194 -25.59 35.69 12.40
C ASP D 194 -26.18 36.61 13.46
N GLY D 195 -27.50 36.82 13.45
CA GLY D 195 -28.17 37.56 14.49
C GLY D 195 -28.54 38.99 14.15
N LYS D 196 -28.25 39.45 12.92
CA LYS D 196 -28.53 40.82 12.55
C LYS D 196 -30.03 41.01 12.33
N SER D 197 -30.51 42.20 12.70
CA SER D 197 -31.91 42.54 12.51
C SER D 197 -32.13 43.11 11.11
N SER D 198 -33.40 43.33 10.77
CA SER D 198 -33.73 43.89 9.46
C SER D 198 -33.04 45.23 9.26
N GLY D 199 -33.12 46.12 10.26
CA GLY D 199 -32.50 47.42 10.12
C GLY D 199 -31.00 47.37 10.02
N GLU D 200 -30.37 46.50 10.82
CA GLU D 200 -28.91 46.36 10.76
C GLU D 200 -28.46 45.84 9.41
N ILE D 201 -29.19 44.87 8.86
CA ILE D 201 -28.85 44.35 7.54
C ILE D 201 -29.04 45.43 6.48
N ALA D 202 -30.14 46.18 6.57
CA ALA D 202 -30.37 47.28 5.64
C ALA D 202 -29.23 48.28 5.69
N ILE D 203 -28.77 48.61 6.90
CA ILE D 203 -27.66 49.54 7.05
C ILE D 203 -26.40 48.97 6.39
N ILE D 204 -26.07 47.72 6.70
CA ILE D 204 -24.80 47.14 6.22
C ILE D 204 -24.81 47.06 4.71
N LEU D 205 -25.89 46.54 4.13
CA LEU D 205 -25.98 46.38 2.68
C LEU D 205 -26.31 47.68 1.95
N SER D 206 -26.53 48.78 2.67
CA SER D 206 -26.81 50.07 2.07
C SER D 206 -28.09 50.04 1.22
N ILE D 207 -29.11 49.35 1.73
CA ILE D 207 -30.43 49.33 1.12
C ILE D 207 -31.46 49.64 2.19
N SER D 208 -32.73 49.67 1.79
CA SER D 208 -33.81 50.03 2.69
C SER D 208 -34.23 48.82 3.52
N GLU D 209 -34.90 49.11 4.63
CA GLU D 209 -35.41 48.03 5.49
C GLU D 209 -36.63 47.36 4.88
N SER D 210 -37.44 48.11 4.14
CA SER D 210 -38.55 47.50 3.41
C SER D 210 -38.02 46.47 2.43
N THR D 211 -36.93 46.80 1.72
CA THR D 211 -36.33 45.85 0.79
C THR D 211 -35.85 44.60 1.53
N VAL D 212 -35.26 44.77 2.71
CA VAL D 212 -34.74 43.63 3.45
C VAL D 212 -35.89 42.72 3.91
N ASN D 213 -36.99 43.31 4.38
CA ASN D 213 -38.13 42.49 4.79
C ASN D 213 -38.78 41.81 3.59
N PHE D 214 -38.80 42.47 2.44
CA PHE D 214 -39.30 41.83 1.22
C PHE D 214 -38.43 40.66 0.81
N HIS D 215 -37.10 40.79 0.96
CA HIS D 215 -36.21 39.67 0.71
C HIS D 215 -36.45 38.53 1.69
N HIS D 216 -36.69 38.86 2.96
CA HIS D 216 -37.05 37.83 3.94
C HIS D 216 -38.30 37.09 3.48
N LYS D 217 -39.30 37.83 3.01
CA LYS D 217 -40.51 37.21 2.49
C LYS D 217 -40.18 36.26 1.35
N ASN D 218 -39.32 36.70 0.43
CA ASN D 218 -38.90 35.84 -0.67
C ASN D 218 -38.32 34.52 -0.17
N ILE D 219 -37.39 34.62 0.78
CA ILE D 219 -36.69 33.42 1.27
C ILE D 219 -37.68 32.47 1.94
N GLN D 220 -38.50 32.98 2.86
CA GLN D 220 -39.51 32.12 3.49
C GLN D 220 -40.45 31.53 2.46
N LYS D 221 -40.83 32.30 1.43
CA LYS D 221 -41.70 31.76 0.40
C LYS D 221 -41.04 30.56 -0.27
N LYS D 222 -39.73 30.62 -0.47
CA LYS D 222 -39.04 29.47 -1.08
C LYS D 222 -38.98 28.28 -0.14
N PHE D 223 -38.65 28.51 1.13
CA PHE D 223 -38.54 27.39 2.06
C PHE D 223 -39.89 26.85 2.53
N ASP D 224 -41.01 27.44 2.11
CA ASP D 224 -42.31 27.08 2.66
C ASP D 224 -42.24 27.16 4.19
N ALA D 225 -41.64 28.25 4.68
CA ALA D 225 -41.38 28.44 6.09
C ALA D 225 -42.32 29.48 6.70
N PRO D 226 -42.65 29.37 7.99
CA PRO D 226 -43.56 30.35 8.60
C PRO D 226 -42.85 31.58 9.12
N ASN D 227 -41.54 31.48 9.34
CA ASN D 227 -40.76 32.58 9.91
C ASN D 227 -39.33 32.47 9.38
N LYS D 228 -38.44 33.32 9.90
CA LYS D 228 -37.06 33.28 9.47
C LYS D 228 -36.23 32.23 10.23
N THR D 229 -36.68 31.80 11.40
CA THR D 229 -35.91 30.81 12.16
C THR D 229 -35.80 29.51 11.38
N LEU D 230 -36.93 29.01 10.86
CA LEU D 230 -36.91 27.80 10.06
C LEU D 230 -36.01 27.97 8.85
N ALA D 231 -36.12 29.10 8.15
CA ALA D 231 -35.31 29.34 6.96
C ALA D 231 -33.82 29.29 7.32
N ALA D 232 -33.42 30.04 8.35
CA ALA D 232 -32.02 30.08 8.73
C ALA D 232 -31.51 28.70 9.14
N ALA D 233 -32.30 27.97 9.92
CA ALA D 233 -31.85 26.66 10.40
C ALA D 233 -31.69 25.69 9.24
N TYR D 234 -32.66 25.66 8.32
CA TYR D 234 -32.55 24.75 7.19
C TYR D 234 -31.43 25.15 6.25
N ALA D 235 -31.18 26.45 6.10
CA ALA D 235 -30.06 26.88 5.27
C ALA D 235 -28.73 26.48 5.88
N ALA D 236 -28.59 26.64 7.20
CA ALA D 236 -27.37 26.21 7.87
C ALA D 236 -27.19 24.70 7.77
N ALA D 237 -28.28 23.94 7.89
CA ALA D 237 -28.18 22.49 7.84
C ALA D 237 -27.80 21.99 6.46
N LEU D 238 -28.17 22.72 5.42
CA LEU D 238 -27.93 22.31 4.04
C LEU D 238 -26.62 22.83 3.47
N GLY D 239 -25.84 23.58 4.25
CA GLY D 239 -24.59 24.10 3.77
C GLY D 239 -24.73 25.15 2.69
N LEU D 240 -25.87 25.85 2.66
CA LEU D 240 -26.10 26.88 1.66
C LEU D 240 -25.57 28.25 2.06
N ILE D 241 -25.25 28.44 3.34
CA ILE D 241 -24.66 29.70 3.79
C ILE D 241 -23.38 29.40 4.58
FE FE E . 32.83 -2.19 1.21
FE FE F . 31.40 -1.37 4.16
FE FE G . 1.57 -28.16 -12.82
FE FE H . 0.86 -26.30 -15.58
C1 HL4 I . -1.35 25.85 1.06
C2 HL4 I . -0.55 27.13 1.27
C4 HL4 I . -0.52 26.72 -0.98
C5 HL4 I . -1.73 25.99 -0.40
O6 HL4 I . -0.40 27.77 2.28
N7 HL4 I . -2.47 25.86 1.97
C8 HL4 I . -2.85 24.78 2.69
O9 HL4 I . -2.29 23.70 2.62
C10 HL4 I . -4.04 25.04 3.60
C11 HL4 I . -4.44 23.83 4.43
C13 HL4 I . -5.29 24.24 5.62
OAP HL4 I . 0.00 27.51 0.11
H1 HL4 I . -0.82 25.05 1.23
H4 HL4 I . 0.18 26.11 -1.27
H4A HL4 I . -0.75 27.32 -1.70
H5 HL4 I . -1.87 25.12 -0.81
H5A HL4 I . -2.55 26.51 -0.50
HN7 HL4 I . -2.91 26.59 2.07
H10 HL4 I . -3.84 25.79 4.18
H10A HL4 I . -4.78 25.33 3.05
H11 HL4 I . -4.92 23.20 3.88
H11A HL4 I . -3.64 23.37 4.75
H13 HL4 I . -5.34 25.21 5.71
H13A HL4 I . -4.94 23.88 6.45
H13B HL4 I . -6.21 23.92 5.53
C1 HL4 J . -28.48 -3.15 10.20
C2 HL4 J . -29.88 -3.75 10.05
C4 HL4 J . -28.89 -4.87 11.77
C5 HL4 J . -28.22 -3.50 11.66
O6 HL4 J . -30.78 -3.39 9.33
N7 HL4 J . -28.49 -1.74 9.92
C8 HL4 J . -28.20 -1.26 8.70
O9 HL4 J . -27.90 -1.99 7.76
C10 HL4 J . -28.26 0.25 8.56
C11 HL4 J . -27.96 0.73 7.15
C13 HL4 J . -28.43 2.15 6.92
OAP HL4 J . -29.99 -4.80 10.84
H1 HL4 J . -27.85 -3.56 9.57
H4 HL4 J . -28.32 -5.60 11.50
H4A HL4 J . -29.25 -5.06 12.65
H5 HL4 J . -27.26 -3.55 11.85
H5A HL4 J . -28.62 -2.85 12.25
HN7 HL4 J . -28.69 -1.19 10.55
H10 HL4 J . -29.13 0.55 8.85
H10A HL4 J . -27.63 0.64 9.19
H11 HL4 J . -27.01 0.66 6.98
H11A HL4 J . -28.40 0.14 6.51
H13 HL4 J . -29.31 2.30 7.29
H13A HL4 J . -28.48 2.36 5.98
H13B HL4 J . -27.83 2.80 7.34
#